data_7D3S
#
_entry.id   7D3S
#
_cell.length_a   1.00
_cell.length_b   1.00
_cell.length_c   1.00
_cell.angle_alpha   90.00
_cell.angle_beta   90.00
_cell.angle_gamma   90.00
#
_symmetry.space_group_name_H-M   'P 1'
#
loop_
_entity.id
_entity.type
_entity.pdbx_description
1 polymer Secretin
2 polymer 'Secretin receptor'
3 polymer 'Guanine nucleotide-binding protein G(s) subunit alpha isoforms short'
4 polymer 'Guanine nucleotide-binding protein G(I)/G(S)/G(T) subunit beta-1'
5 polymer 'Guanine nucleotide-binding protein G(I)/G(S)/G(O) subunit gamma-2'
6 polymer 'nanobody Nb35'
#
loop_
_entity_poly.entity_id
_entity_poly.type
_entity_poly.pdbx_seq_one_letter_code
_entity_poly.pdbx_strand_id
1 'polypeptide(L)' HSDGTFTSELSRLREGARLQRLLQGLV P
2 'polypeptide(L)'
;DYKDDDDAMGHSTGALPRLCDVLQVLWEEQDQCLQELSREQTGDLGTEQPVPGCEGMWDNISCWPSSVPGRMVEVECPRF
LRMLTSRNGSLFRNCTQDGWSETFPRPNLACGVNVNDSSNEKRHSYLLKLKVMYTVGYSSSLVMLLVALGILCAFRRLHC
TRNYIHMHLFVSFILRALSNFIKDAVLFSSDDVTYCDAHRAGCKLVMVLFQYCIMANYSWLLVEGLYLHTLLAISFFSER
KYLQGFVAFGWGSPAIFVALWAIARHFLEDVGCWDINANASIWWIIRGPVILSILINFILFINILRILMRKLRTQETRGN
EVSHYKRLARSTLLLIPLFGIHYIVFAFSPEDAMEIQLFFELALGSFQGLVVAVLYCFLNGEVQLEVQKKWQQWHLREFP
LHPVASFSNSTKASHLEQSQGTCRTSIIENLYFG
;
R
3 'polypeptide(L)'
;GNSKTEDQRNEEKAQREANKKIEKQLQKDKQVYRATHRLLLLGADNSGKSTIVKQMRIYHVNGFNGEGGEEDPQAARSNS
DGEKATKVQDIKNNLKEAIETIVAAMSNLVPPVELANPENQFRVDYILSVMNVPDFDFPPEFYEHAKALWEDEGVRACYE
RSNEYQLIDCAQYFLDKIDVIKQADYVPSDQDLLRCRVLTSGIFETKFQVDKVNFHMFDVGGQRDERRKWIQCFNDVTAI
IFVVDSSDYNRLQEALNLFKSIWNNRWLRTISVILFLNKQDLLAEKVLAGKSKIEDYFPEFARYTTPEDATPEPGEDPRV
TRAKYFIRDEFLRISTASGDGRHYCYPHFTCAVDTENARRIFNDCRDIIQRMHLRQYELL
;
A
4 'polypeptide(L)'
;MHHHHHHGSLLQSELDQLRQEAEQLKNQIRDARKACADATLSQITNNIDPVGRIQMRTRRTLRGHLAKIYAMHWGTDSRL
LVSASQDGKLIIWDSYTTNKVHAIPLRSSWVMTCAYAPSGNYVACGGLDNICSIYNLKTREGNVRVSRELAGHTGYLSCC
RFLDDNQIVTSSGDTTCALWDIETGQQTTTFTGHTGDVMSLSLAPDTRLFVSGACDASAKLWDVREGMCRQTFTGHESDI
NAICFFPNGNAFATGSDDATCRLFDLRADQELMTYSHDNIICGITSVSFSKSGRLLLAGYDDFNCNVWDALKADRAGVLA
GHDNRVSCLGVTDDGMAVATGSWDSFLKIWN
;
B
5 'polypeptide(L)' MASNNTASIAQARKLVEQLKMEANIDRIKVSKAAADLMAYCEAHAKEDPLLTPVPASENPFREKKFFS G
6 'polypeptide(L)'
;MGQVQLQESGGGLVQPGGSLRLSCAASGFTFSNYKMNWVRQAPGKGLEWVSDISQSGASISYTGSVKGRFTISRDNAKNT
LYLQMNSLKPEDTAVYYCARCPAPFTRDCFDVTSTTYAYRGQGTQVTVSSLHHHHHH
;
N
#
# COMPACT_ATOMS: atom_id res chain seq x y z
N HIS A 1 -1.06 -4.34 -47.40
CA HIS A 1 -1.33 -3.16 -46.59
C HIS A 1 -1.37 -1.89 -47.44
N SER A 2 -1.57 -0.73 -46.79
CA SER A 2 -1.92 0.47 -47.53
C SER A 2 -0.67 1.23 -48.00
N ASP A 3 0.39 1.24 -47.19
CA ASP A 3 1.65 1.83 -47.65
C ASP A 3 2.16 1.12 -48.89
N GLY A 4 2.08 -0.21 -48.90
CA GLY A 4 2.51 -0.96 -50.07
C GLY A 4 1.66 -0.69 -51.29
N THR A 5 0.35 -0.52 -51.09
CA THR A 5 -0.54 -0.24 -52.21
C THR A 5 -0.29 1.15 -52.77
N PHE A 6 -0.11 2.14 -51.91
CA PHE A 6 0.24 3.48 -52.37
C PHE A 6 1.55 3.47 -53.13
N THR A 7 2.56 2.76 -52.60
CA THR A 7 3.85 2.69 -53.27
C THR A 7 3.73 2.06 -54.64
N SER A 8 3.05 0.92 -54.72
CA SER A 8 2.85 0.25 -56.01
C SER A 8 2.14 1.17 -56.99
N GLU A 9 1.09 1.86 -56.54
CA GLU A 9 0.29 2.67 -57.45
C GLU A 9 1.09 3.88 -57.95
N LEU A 10 1.75 4.60 -57.04
CA LEU A 10 2.51 5.77 -57.47
C LEU A 10 3.68 5.36 -58.36
N SER A 11 4.35 4.26 -58.03
CA SER A 11 5.45 3.77 -58.87
C SER A 11 4.95 3.43 -60.26
N ARG A 12 3.84 2.68 -60.35
CA ARG A 12 3.29 2.30 -61.65
C ARG A 12 2.87 3.53 -62.44
N LEU A 13 2.26 4.52 -61.78
CA LEU A 13 1.78 5.70 -62.50
C LEU A 13 2.95 6.53 -63.03
N ARG A 14 3.97 6.75 -62.22
CA ARG A 14 5.07 7.57 -62.70
C ARG A 14 5.93 6.82 -63.70
N GLU A 15 5.94 5.47 -63.63
CA GLU A 15 6.56 4.68 -64.68
C GLU A 15 5.83 4.87 -66.01
N GLY A 16 4.51 4.73 -65.99
CA GLY A 16 3.73 5.01 -67.19
C GLY A 16 3.93 6.42 -67.70
N ALA A 17 4.10 7.38 -66.80
CA ALA A 17 4.29 8.77 -67.21
C ALA A 17 5.65 8.96 -67.88
N ARG A 18 6.69 8.36 -67.33
CA ARG A 18 8.01 8.43 -67.98
C ARG A 18 7.98 7.75 -69.34
N LEU A 19 7.31 6.61 -69.44
CA LEU A 19 7.16 5.94 -70.73
C LEU A 19 6.42 6.83 -71.73
N GLN A 20 5.39 7.52 -71.26
CA GLN A 20 4.61 8.40 -72.13
C GLN A 20 5.46 9.57 -72.60
N ARG A 21 6.28 10.14 -71.72
CA ARG A 21 7.18 11.22 -72.12
C ARG A 21 8.20 10.74 -73.14
N LEU A 22 8.71 9.52 -72.96
CA LEU A 22 9.60 8.95 -73.96
C LEU A 22 8.89 8.76 -75.28
N LEU A 23 7.62 8.32 -75.25
CA LEU A 23 6.87 8.15 -76.48
C LEU A 23 6.65 9.46 -77.21
N GLN A 24 6.41 10.55 -76.46
CA GLN A 24 6.34 11.86 -77.10
C GLN A 24 7.68 12.25 -77.69
N GLY A 25 8.76 12.08 -76.94
CA GLY A 25 10.07 12.50 -77.42
C GLY A 25 10.54 11.74 -78.65
N LEU A 26 10.17 10.47 -78.75
CA LEU A 26 10.70 9.63 -79.82
C LEU A 26 9.87 9.73 -81.09
N VAL A 27 8.54 9.68 -80.97
CA VAL A 27 7.66 9.62 -82.13
C VAL A 27 7.89 10.79 -83.09
N SER B 118 -4.03 11.45 -71.54
CA SER B 118 -4.32 12.58 -70.67
C SER B 118 -4.79 12.12 -69.30
N SER B 119 -5.36 10.92 -69.23
CA SER B 119 -5.87 10.39 -67.98
C SER B 119 -4.71 10.06 -67.03
N ASN B 120 -5.08 9.58 -65.85
CA ASN B 120 -4.16 9.17 -64.79
C ASN B 120 -3.44 10.36 -64.18
N GLU B 121 -3.67 11.57 -64.71
CA GLU B 121 -3.23 12.76 -64.02
C GLU B 121 -4.09 13.01 -62.79
N LYS B 122 -5.37 12.63 -62.86
CA LYS B 122 -6.24 12.61 -61.69
C LYS B 122 -5.59 11.84 -60.55
N ARG B 123 -5.32 10.56 -60.77
CA ARG B 123 -4.73 9.71 -59.75
C ARG B 123 -3.32 10.16 -59.38
N HIS B 124 -2.56 10.70 -60.33
CA HIS B 124 -1.21 11.14 -60.00
C HIS B 124 -1.22 12.32 -59.04
N SER B 125 -2.02 13.34 -59.33
CA SER B 125 -2.13 14.47 -58.41
C SER B 125 -2.73 14.04 -57.08
N TYR B 126 -3.69 13.11 -57.13
CA TYR B 126 -4.32 12.62 -55.90
C TYR B 126 -3.29 11.95 -55.01
N LEU B 127 -2.46 11.08 -55.58
CA LEU B 127 -1.44 10.38 -54.81
C LEU B 127 -0.36 11.33 -54.32
N LEU B 128 -0.07 12.38 -55.08
CA LEU B 128 0.92 13.36 -54.60
C LEU B 128 0.39 14.13 -53.39
N LYS B 129 -0.89 14.52 -53.42
CA LYS B 129 -1.45 15.19 -52.25
C LYS B 129 -1.53 14.24 -51.07
N LEU B 130 -1.89 12.98 -51.31
CA LEU B 130 -1.82 11.97 -50.26
C LEU B 130 -0.42 11.88 -49.68
N LYS B 131 0.61 11.97 -50.53
CA LYS B 131 1.98 11.90 -50.06
C LYS B 131 2.29 13.08 -49.14
N VAL B 132 1.89 14.27 -49.54
CA VAL B 132 2.07 15.45 -48.69
C VAL B 132 1.44 15.22 -47.33
N MET B 133 0.18 14.77 -47.32
CA MET B 133 -0.56 14.69 -46.06
C MET B 133 -0.04 13.57 -45.16
N TYR B 134 0.35 12.42 -45.73
CA TYR B 134 0.83 11.36 -44.85
C TYR B 134 2.27 11.61 -44.45
N THR B 135 3.01 12.41 -45.21
CA THR B 135 4.30 12.89 -44.73
C THR B 135 4.11 13.77 -43.49
N VAL B 136 3.14 14.69 -43.55
CA VAL B 136 2.82 15.49 -42.37
C VAL B 136 2.41 14.60 -41.20
N GLY B 137 1.58 13.59 -41.49
CA GLY B 137 1.10 12.71 -40.44
C GLY B 137 2.21 11.92 -39.78
N TYR B 138 3.01 11.21 -40.56
CA TYR B 138 4.13 10.46 -40.02
C TYR B 138 5.15 11.36 -39.33
N SER B 139 5.31 12.60 -39.80
CA SER B 139 6.23 13.51 -39.12
C SER B 139 5.73 13.84 -37.71
N SER B 140 4.45 14.23 -37.60
CA SER B 140 3.90 14.54 -36.29
C SER B 140 3.91 13.32 -35.38
N SER B 141 3.61 12.14 -35.94
CA SER B 141 3.60 10.93 -35.12
C SER B 141 5.01 10.55 -34.69
N LEU B 142 5.99 10.74 -35.56
CA LEU B 142 7.37 10.46 -35.18
C LEU B 142 7.82 11.37 -34.05
N VAL B 143 7.51 12.66 -34.15
CA VAL B 143 7.86 13.59 -33.08
C VAL B 143 7.23 13.17 -31.76
N MET B 144 5.92 12.92 -31.77
CA MET B 144 5.23 12.62 -30.53
C MET B 144 5.63 11.25 -29.97
N LEU B 145 5.90 10.28 -30.85
CA LEU B 145 6.33 8.97 -30.38
C LEU B 145 7.74 9.03 -29.81
N LEU B 146 8.59 9.91 -30.33
CA LEU B 146 9.91 10.11 -29.73
C LEU B 146 9.78 10.71 -28.33
N VAL B 147 8.96 11.77 -28.21
CA VAL B 147 8.73 12.36 -26.90
C VAL B 147 8.18 11.31 -25.93
N ALA B 148 7.25 10.48 -26.40
CA ALA B 148 6.59 9.51 -25.52
C ALA B 148 7.52 8.40 -25.11
N LEU B 149 8.32 7.88 -26.04
CA LEU B 149 9.32 6.88 -25.69
C LEU B 149 10.33 7.44 -24.71
N GLY B 150 10.72 8.69 -24.88
CA GLY B 150 11.62 9.32 -23.93
C GLY B 150 11.04 9.40 -22.54
N ILE B 151 9.77 9.83 -22.44
CA ILE B 151 9.14 9.94 -21.13
C ILE B 151 8.92 8.56 -20.50
N LEU B 152 8.62 7.54 -21.32
CA LEU B 152 8.38 6.21 -20.78
C LEU B 152 9.68 5.55 -20.31
N CYS B 153 10.80 5.88 -20.95
CA CYS B 153 12.05 5.26 -20.54
C CYS B 153 12.79 6.05 -19.47
N ALA B 154 12.58 7.36 -19.37
CA ALA B 154 13.28 8.19 -18.41
C ALA B 154 12.61 8.22 -17.04
N PHE B 155 11.70 7.29 -16.77
CA PHE B 155 11.04 7.19 -15.47
C PHE B 155 10.95 5.72 -15.11
N ARG B 156 11.61 5.31 -14.03
CA ARG B 156 11.66 3.91 -13.66
C ARG B 156 10.41 3.42 -12.95
N ARG B 157 9.61 4.32 -12.39
CA ARG B 157 8.36 3.92 -11.76
C ARG B 157 7.32 3.46 -12.77
N LEU B 158 7.45 3.86 -14.03
CA LEU B 158 6.52 3.47 -15.07
C LEU B 158 6.92 2.17 -15.75
N HIS B 159 8.03 1.54 -15.33
CA HIS B 159 8.55 0.36 -16.01
C HIS B 159 7.68 -0.87 -15.66
N CYS B 160 6.44 -0.82 -16.15
CA CYS B 160 5.50 -1.92 -15.98
C CYS B 160 5.78 -3.00 -17.00
N THR B 161 4.88 -3.96 -17.10
CA THR B 161 4.86 -4.88 -18.23
C THR B 161 3.97 -4.38 -19.35
N ARG B 162 3.04 -3.47 -19.04
CA ARG B 162 2.20 -2.86 -20.07
C ARG B 162 2.94 -1.70 -20.74
N ASN B 163 3.67 -0.92 -19.94
CA ASN B 163 4.43 0.19 -20.49
C ASN B 163 5.62 -0.31 -21.31
N TYR B 164 6.11 -1.51 -20.99
CA TYR B 164 7.14 -2.13 -21.82
C TYR B 164 6.61 -2.42 -23.21
N ILE B 165 5.40 -2.99 -23.29
CA ILE B 165 4.78 -3.26 -24.58
C ILE B 165 4.40 -1.97 -25.28
N HIS B 166 4.02 -0.95 -24.51
CA HIS B 166 3.81 0.37 -25.10
C HIS B 166 5.10 0.87 -25.75
N MET B 167 6.23 0.68 -25.09
CA MET B 167 7.51 1.13 -25.65
C MET B 167 7.82 0.38 -26.94
N HIS B 168 7.58 -0.92 -26.97
CA HIS B 168 7.83 -1.68 -28.19
C HIS B 168 6.91 -1.24 -29.32
N LEU B 169 5.63 -0.99 -29.01
CA LEU B 169 4.69 -0.47 -30.01
C LEU B 169 5.14 0.89 -30.53
N PHE B 170 5.61 1.76 -29.63
CA PHE B 170 6.11 3.07 -30.02
C PHE B 170 7.31 2.92 -30.95
N VAL B 171 8.18 1.97 -30.67
CA VAL B 171 9.33 1.72 -31.53
C VAL B 171 8.86 1.25 -32.90
N SER B 172 7.85 0.41 -32.95
CA SER B 172 7.33 -0.06 -34.23
C SER B 172 6.73 1.09 -35.04
N PHE B 173 6.02 2.00 -34.37
CA PHE B 173 5.47 3.16 -35.06
C PHE B 173 6.58 4.05 -35.59
N ILE B 174 7.62 4.29 -34.79
CA ILE B 174 8.74 5.11 -35.23
C ILE B 174 9.43 4.47 -36.43
N LEU B 175 9.60 3.15 -36.39
CA LEU B 175 10.21 2.45 -37.52
C LEU B 175 9.35 2.56 -38.77
N ARG B 176 8.03 2.47 -38.62
CA ARG B 176 7.14 2.62 -39.75
C ARG B 176 7.29 4.01 -40.39
N ALA B 177 7.28 5.06 -39.57
CA ALA B 177 7.41 6.42 -40.10
C ALA B 177 8.76 6.63 -40.77
N LEU B 178 9.84 6.28 -40.08
CA LEU B 178 11.17 6.43 -40.65
C LEU B 178 11.32 5.66 -41.95
N SER B 179 10.76 4.44 -42.00
CA SER B 179 10.88 3.63 -43.19
C SER B 179 10.09 4.22 -44.34
N ASN B 180 8.94 4.83 -44.07
CA ASN B 180 8.22 5.53 -45.13
C ASN B 180 9.05 6.69 -45.67
N PHE B 181 9.69 7.45 -44.78
CA PHE B 181 10.55 8.54 -45.22
C PHE B 181 11.70 8.03 -46.10
N ILE B 182 12.34 6.94 -45.68
CA ILE B 182 13.46 6.40 -46.43
C ILE B 182 13.00 5.90 -47.79
N LYS B 183 11.88 5.17 -47.82
CA LYS B 183 11.36 4.66 -49.08
C LYS B 183 11.00 5.78 -50.03
N ASP B 184 10.39 6.85 -49.53
CA ASP B 184 10.06 7.99 -50.37
C ASP B 184 11.32 8.62 -50.94
N ALA B 185 12.31 8.88 -50.08
CA ALA B 185 13.53 9.55 -50.53
C ALA B 185 14.31 8.69 -51.53
N VAL B 186 14.22 7.37 -51.41
CA VAL B 186 14.95 6.51 -52.34
C VAL B 186 14.19 6.32 -53.65
N LEU B 187 12.86 6.24 -53.61
CA LEU B 187 12.09 5.87 -54.79
C LEU B 187 11.47 7.04 -55.54
N PHE B 188 10.77 7.94 -54.84
CA PHE B 188 10.02 9.00 -55.50
C PHE B 188 10.71 10.34 -55.34
N SER B 189 12.03 10.35 -55.39
CA SER B 189 12.82 11.58 -55.33
C SER B 189 13.85 11.54 -56.45
N SER B 190 13.53 12.18 -57.58
CA SER B 190 14.39 12.19 -58.76
C SER B 190 14.76 10.78 -59.21
N ASP B 197 21.09 1.08 -64.16
CA ASP B 197 20.25 0.16 -63.40
C ASP B 197 20.98 -0.35 -62.16
N ALA B 198 22.09 0.30 -61.82
CA ALA B 198 22.80 -0.04 -60.60
C ALA B 198 21.98 0.35 -59.38
N HIS B 199 22.50 0.04 -58.19
CA HIS B 199 21.81 0.29 -56.93
C HIS B 199 20.56 -0.59 -56.87
N ARG B 200 20.58 -1.71 -57.60
CA ARG B 200 19.50 -2.68 -57.52
C ARG B 200 19.44 -3.30 -56.13
N ALA B 201 20.59 -3.69 -55.58
CA ALA B 201 20.62 -4.30 -54.26
C ALA B 201 20.20 -3.31 -53.18
N GLY B 202 20.72 -2.09 -53.23
CA GLY B 202 20.33 -1.10 -52.23
C GLY B 202 18.85 -0.80 -52.24
N CYS B 203 18.28 -0.67 -53.43
CA CYS B 203 16.84 -0.40 -53.56
C CYS B 203 16.01 -1.57 -53.06
N LYS B 204 16.39 -2.80 -53.44
CA LYS B 204 15.64 -3.96 -52.99
C LYS B 204 15.73 -4.12 -51.47
N LEU B 205 16.88 -3.79 -50.88
CA LEU B 205 17.00 -3.87 -49.43
C LEU B 205 16.19 -2.77 -48.74
N VAL B 206 16.09 -1.60 -49.37
CA VAL B 206 15.21 -0.56 -48.83
C VAL B 206 13.77 -1.03 -48.85
N MET B 207 13.36 -1.71 -49.92
CA MET B 207 11.99 -2.20 -50.00
C MET B 207 11.74 -3.29 -48.96
N VAL B 208 12.72 -4.17 -48.75
CA VAL B 208 12.58 -5.21 -47.73
C VAL B 208 12.47 -4.60 -46.35
N LEU B 209 13.32 -3.62 -46.04
CA LEU B 209 13.23 -2.93 -44.76
C LEU B 209 11.87 -2.26 -44.60
N PHE B 210 11.36 -1.66 -45.68
CA PHE B 210 10.06 -1.00 -45.63
C PHE B 210 8.96 -1.98 -45.28
N GLN B 211 8.88 -3.09 -46.02
CA GLN B 211 7.87 -4.09 -45.75
C GLN B 211 7.99 -4.63 -44.33
N TYR B 212 9.22 -4.82 -43.86
CA TYR B 212 9.40 -5.36 -42.51
C TYR B 212 8.91 -4.37 -41.46
N CYS B 213 9.19 -3.08 -41.63
CA CYS B 213 8.73 -2.12 -40.65
C CYS B 213 7.21 -2.02 -40.62
N ILE B 214 6.57 -2.02 -41.79
CA ILE B 214 5.11 -1.99 -41.82
C ILE B 214 4.53 -3.21 -41.12
N MET B 215 5.02 -4.39 -41.48
CA MET B 215 4.50 -5.63 -40.90
C MET B 215 4.79 -5.70 -39.41
N ALA B 216 5.87 -5.07 -38.96
CA ALA B 216 6.19 -5.05 -37.54
C ALA B 216 5.23 -4.15 -36.77
N ASN B 217 4.85 -3.02 -37.35
CA ASN B 217 3.84 -2.20 -36.70
C ASN B 217 2.52 -2.95 -36.57
N TYR B 218 2.12 -3.67 -37.61
CA TYR B 218 0.89 -4.45 -37.52
C TYR B 218 1.00 -5.57 -36.49
N SER B 219 2.15 -6.23 -36.44
CA SER B 219 2.33 -7.32 -35.47
C SER B 219 2.36 -6.80 -34.04
N TRP B 220 2.83 -5.57 -33.82
CA TRP B 220 2.84 -5.08 -32.45
C TRP B 220 1.48 -4.53 -32.04
N LEU B 221 0.68 -4.03 -32.99
CA LEU B 221 -0.72 -3.79 -32.67
C LEU B 221 -1.41 -5.09 -32.25
N LEU B 222 -1.15 -6.17 -32.99
CA LEU B 222 -1.74 -7.46 -32.62
C LEU B 222 -1.23 -7.95 -31.27
N VAL B 223 0.06 -7.75 -31.00
CA VAL B 223 0.64 -8.18 -29.72
C VAL B 223 0.02 -7.41 -28.56
N GLU B 224 -0.28 -6.13 -28.76
CA GLU B 224 -0.88 -5.36 -27.68
C GLU B 224 -2.32 -5.79 -27.43
N GLY B 225 -3.06 -6.05 -28.51
CA GLY B 225 -4.39 -6.63 -28.34
C GLY B 225 -4.35 -7.97 -27.61
N LEU B 226 -3.41 -8.84 -28.00
CA LEU B 226 -3.28 -10.14 -27.36
C LEU B 226 -2.87 -10.02 -25.91
N TYR B 227 -2.01 -9.05 -25.59
CA TYR B 227 -1.61 -8.86 -24.20
C TYR B 227 -2.80 -8.47 -23.35
N LEU B 228 -3.54 -7.44 -23.75
CA LEU B 228 -4.68 -7.04 -22.94
C LEU B 228 -5.74 -8.13 -22.87
N HIS B 229 -5.94 -8.89 -23.94
CA HIS B 229 -6.95 -9.93 -23.91
C HIS B 229 -6.53 -11.08 -22.98
N THR B 230 -5.26 -11.49 -23.03
CA THR B 230 -4.82 -12.56 -22.14
C THR B 230 -4.71 -12.07 -20.70
N LEU B 231 -4.58 -10.77 -20.51
CA LEU B 231 -4.60 -10.18 -19.18
C LEU B 231 -6.00 -10.14 -18.59
N LEU B 232 -7.03 -10.01 -19.43
CA LEU B 232 -8.41 -9.95 -18.94
C LEU B 232 -9.15 -11.28 -19.08
N ALA B 233 -8.57 -12.27 -19.74
CA ALA B 233 -9.31 -13.48 -20.04
C ALA B 233 -8.68 -14.69 -19.35
N ILE B 234 -7.45 -14.53 -18.87
CA ILE B 234 -6.84 -15.54 -18.02
C ILE B 234 -6.48 -14.94 -16.67
N SER B 235 -5.67 -13.88 -16.66
CA SER B 235 -5.41 -13.01 -15.53
C SER B 235 -4.65 -13.71 -14.40
N PHE B 236 -4.42 -15.01 -14.54
CA PHE B 236 -3.60 -15.78 -13.60
C PHE B 236 -2.53 -16.48 -14.44
N PHE B 237 -1.44 -15.76 -14.70
CA PHE B 237 -0.39 -16.24 -15.58
C PHE B 237 0.90 -15.47 -15.30
N SER B 238 2.02 -16.11 -15.61
CA SER B 238 3.33 -15.49 -15.42
C SER B 238 3.56 -14.48 -16.53
N GLU B 239 3.46 -13.19 -16.19
CA GLU B 239 3.54 -12.14 -17.20
C GLU B 239 4.93 -12.06 -17.82
N ARG B 240 5.97 -12.24 -17.00
CA ARG B 240 7.33 -12.04 -17.50
C ARG B 240 7.79 -13.22 -18.34
N LYS B 241 7.19 -14.40 -18.15
CA LYS B 241 7.46 -15.50 -19.04
C LYS B 241 6.68 -15.35 -20.34
N TYR B 242 5.52 -14.68 -20.28
CA TYR B 242 4.77 -14.38 -21.48
C TYR B 242 5.42 -13.26 -22.27
N LEU B 243 6.15 -12.38 -21.59
CA LEU B 243 6.75 -11.21 -22.24
C LEU B 243 7.80 -11.63 -23.26
N GLN B 244 8.55 -12.71 -22.97
CA GLN B 244 9.55 -13.19 -23.89
C GLN B 244 8.92 -13.62 -25.21
N GLY B 245 7.91 -14.49 -25.15
CA GLY B 245 7.23 -14.92 -26.35
C GLY B 245 6.52 -13.81 -27.08
N PHE B 246 5.97 -12.84 -26.34
CA PHE B 246 5.29 -11.72 -26.98
C PHE B 246 6.25 -10.85 -27.76
N VAL B 247 7.41 -10.51 -27.18
CA VAL B 247 8.38 -9.70 -27.91
C VAL B 247 8.98 -10.49 -29.08
N ALA B 248 9.27 -11.77 -28.87
CA ALA B 248 9.78 -12.60 -29.96
C ALA B 248 8.80 -12.63 -31.12
N PHE B 249 7.52 -12.88 -30.84
CA PHE B 249 6.51 -12.87 -31.90
C PHE B 249 6.43 -11.51 -32.57
N GLY B 250 6.33 -10.45 -31.78
CA GLY B 250 6.14 -9.12 -32.36
C GLY B 250 7.25 -8.71 -33.30
N TRP B 251 8.50 -9.03 -32.95
CA TRP B 251 9.63 -8.62 -33.77
C TRP B 251 10.12 -9.71 -34.71
N GLY B 252 9.54 -10.90 -34.68
CA GLY B 252 10.08 -11.96 -35.52
C GLY B 252 9.08 -12.68 -36.40
N SER B 253 7.80 -12.40 -36.24
CA SER B 253 6.83 -12.83 -37.24
C SER B 253 6.89 -11.93 -38.48
N PRO B 254 7.07 -10.61 -38.33
CA PRO B 254 7.37 -9.80 -39.51
C PRO B 254 8.54 -10.32 -40.31
N ALA B 255 9.61 -10.74 -39.62
CA ALA B 255 10.83 -11.14 -40.29
C ALA B 255 10.61 -12.35 -41.17
N ILE B 256 9.87 -13.34 -40.68
CA ILE B 256 9.66 -14.57 -41.44
C ILE B 256 8.92 -14.28 -42.74
N PHE B 257 7.82 -13.53 -42.64
CA PHE B 257 7.01 -13.27 -43.83
C PHE B 257 7.72 -12.33 -44.80
N VAL B 258 8.44 -11.32 -44.29
CA VAL B 258 9.14 -10.40 -45.17
C VAL B 258 10.30 -11.10 -45.86
N ALA B 259 10.98 -12.01 -45.15
CA ALA B 259 12.04 -12.78 -45.77
C ALA B 259 11.51 -13.71 -46.84
N LEU B 260 10.37 -14.36 -46.56
CA LEU B 260 9.78 -15.24 -47.57
C LEU B 260 9.31 -14.45 -48.79
N TRP B 261 8.78 -13.25 -48.57
CA TRP B 261 8.37 -12.39 -49.68
C TRP B 261 9.58 -11.97 -50.52
N ALA B 262 10.67 -11.55 -49.85
CA ALA B 262 11.87 -11.16 -50.57
C ALA B 262 12.46 -12.32 -51.35
N ILE B 263 12.41 -13.53 -50.79
CA ILE B 263 12.88 -14.71 -51.52
C ILE B 263 12.02 -14.95 -52.76
N ALA B 264 10.69 -14.92 -52.58
CA ALA B 264 9.79 -15.13 -53.72
C ALA B 264 9.98 -14.08 -54.79
N ARG B 265 10.32 -12.85 -54.38
CA ARG B 265 10.56 -11.79 -55.36
C ARG B 265 11.87 -12.04 -56.10
N HIS B 266 12.94 -12.35 -55.36
CA HIS B 266 14.22 -12.61 -56.01
C HIS B 266 14.11 -13.78 -56.98
N PHE B 267 13.23 -14.74 -56.69
CA PHE B 267 13.12 -15.90 -57.56
C PHE B 267 12.03 -15.74 -58.63
N LEU B 268 10.80 -15.43 -58.21
CA LEU B 268 9.67 -15.52 -59.13
C LEU B 268 9.28 -14.20 -59.78
N GLU B 269 9.50 -13.06 -59.13
CA GLU B 269 9.22 -11.79 -59.78
C GLU B 269 10.28 -10.75 -59.43
N ASP B 270 11.30 -10.64 -60.27
CA ASP B 270 12.43 -9.75 -60.01
C ASP B 270 12.52 -8.72 -61.13
N VAL B 271 11.83 -7.60 -60.93
CA VAL B 271 11.79 -6.50 -61.88
C VAL B 271 12.10 -5.20 -61.15
N GLY B 272 13.12 -4.49 -61.62
CA GLY B 272 13.56 -3.22 -61.05
C GLY B 272 13.68 -3.31 -59.54
N CYS B 273 13.44 -2.17 -58.91
CA CYS B 273 13.16 -2.18 -57.48
C CYS B 273 11.88 -2.95 -57.24
N TRP B 274 11.78 -3.59 -56.07
CA TRP B 274 10.59 -4.35 -55.72
C TRP B 274 9.56 -3.39 -55.12
N ASP B 275 9.09 -2.46 -55.95
CA ASP B 275 8.16 -1.43 -55.50
C ASP B 275 6.81 -1.49 -56.21
N ILE B 276 6.63 -2.41 -57.14
CA ILE B 276 5.37 -2.56 -57.85
C ILE B 276 4.84 -3.96 -57.60
N ASN B 277 3.65 -4.06 -57.03
CA ASN B 277 3.01 -5.34 -56.77
C ASN B 277 2.17 -5.71 -57.99
N ALA B 278 2.75 -6.50 -58.89
CA ALA B 278 2.06 -6.94 -60.09
C ALA B 278 1.61 -8.38 -60.05
N ASN B 279 2.22 -9.22 -59.22
CA ASN B 279 1.76 -10.59 -59.00
C ASN B 279 1.01 -10.64 -57.68
N ALA B 280 -0.23 -11.15 -57.72
CA ALA B 280 -1.07 -11.11 -56.53
C ALA B 280 -0.57 -12.07 -55.46
N SER B 281 -0.16 -13.28 -55.84
CA SER B 281 0.27 -14.26 -54.86
C SER B 281 1.47 -13.77 -54.07
N ILE B 282 2.49 -13.28 -54.77
CA ILE B 282 3.66 -12.74 -54.09
C ILE B 282 3.27 -11.61 -53.15
N TRP B 283 2.25 -10.84 -53.50
CA TRP B 283 1.75 -9.79 -52.62
C TRP B 283 0.87 -10.36 -51.52
N TRP B 284 0.15 -11.45 -51.81
CA TRP B 284 -0.67 -12.09 -50.79
C TRP B 284 0.19 -12.64 -49.68
N ILE B 285 1.42 -13.07 -49.99
CA ILE B 285 2.32 -13.62 -48.97
C ILE B 285 2.53 -12.62 -47.83
N ILE B 286 2.43 -11.33 -48.13
CA ILE B 286 2.72 -10.29 -47.15
C ILE B 286 1.47 -9.44 -46.87
N ARG B 287 0.36 -9.71 -47.55
CA ARG B 287 -0.90 -9.06 -47.21
C ARG B 287 -1.85 -9.94 -46.41
N GLY B 288 -1.71 -11.27 -46.48
CA GLY B 288 -2.50 -12.17 -45.69
C GLY B 288 -2.23 -12.05 -44.20
N PRO B 289 -0.95 -12.11 -43.81
CA PRO B 289 -0.62 -11.88 -42.39
C PRO B 289 -1.17 -10.58 -41.82
N VAL B 290 -1.16 -9.50 -42.59
CA VAL B 290 -1.66 -8.22 -42.08
C VAL B 290 -3.17 -8.28 -41.91
N ILE B 291 -3.88 -8.88 -42.87
CA ILE B 291 -5.33 -9.01 -42.75
C ILE B 291 -5.70 -9.88 -41.56
N LEU B 292 -4.95 -10.97 -41.35
CA LEU B 292 -5.18 -11.80 -40.18
C LEU B 292 -4.93 -11.04 -38.90
N SER B 293 -3.86 -10.24 -38.86
CA SER B 293 -3.61 -9.40 -37.69
C SER B 293 -4.80 -8.52 -37.38
N ILE B 294 -5.32 -7.84 -38.41
CA ILE B 294 -6.45 -6.93 -38.21
C ILE B 294 -7.67 -7.70 -37.70
N LEU B 295 -7.98 -8.83 -38.32
CA LEU B 295 -9.17 -9.59 -37.96
C LEU B 295 -9.08 -10.16 -36.55
N ILE B 296 -7.95 -10.78 -36.21
CA ILE B 296 -7.77 -11.32 -34.87
C ILE B 296 -7.83 -10.22 -33.83
N ASN B 297 -7.21 -9.08 -34.10
CA ASN B 297 -7.21 -8.00 -33.13
C ASN B 297 -8.60 -7.41 -32.97
N PHE B 298 -9.42 -7.43 -34.02
CA PHE B 298 -10.81 -6.99 -33.89
C PHE B 298 -11.61 -7.96 -33.03
N ILE B 299 -11.41 -9.26 -33.23
CA ILE B 299 -12.09 -10.25 -32.39
C ILE B 299 -11.72 -10.05 -30.93
N LEU B 300 -10.43 -9.84 -30.65
CA LEU B 300 -10.00 -9.60 -29.28
C LEU B 300 -10.58 -8.30 -28.73
N PHE B 301 -10.70 -7.27 -29.57
CA PHE B 301 -11.33 -6.02 -29.18
C PHE B 301 -12.78 -6.24 -28.75
N ILE B 302 -13.52 -7.02 -29.52
CA ILE B 302 -14.92 -7.30 -29.18
C ILE B 302 -15.00 -8.08 -27.87
N ASN B 303 -14.14 -9.07 -27.68
CA ASN B 303 -14.20 -9.87 -26.46
C ASN B 303 -13.81 -9.05 -25.24
N ILE B 304 -12.81 -8.19 -25.37
CA ILE B 304 -12.42 -7.30 -24.28
C ILE B 304 -13.57 -6.36 -23.91
N LEU B 305 -14.24 -5.80 -24.91
CA LEU B 305 -15.38 -4.94 -24.59
C LEU B 305 -16.54 -5.70 -23.98
N ARG B 306 -16.73 -6.97 -24.37
CA ARG B 306 -17.72 -7.82 -23.73
C ARG B 306 -17.41 -7.99 -22.24
N ILE B 307 -16.15 -8.31 -21.94
CA ILE B 307 -15.71 -8.45 -20.55
C ILE B 307 -15.94 -7.15 -19.79
N LEU B 308 -15.59 -6.02 -20.39
CA LEU B 308 -15.74 -4.74 -19.69
C LEU B 308 -17.21 -4.41 -19.47
N MET B 309 -18.07 -4.77 -20.41
CA MET B 309 -19.50 -4.54 -20.23
C MET B 309 -20.03 -5.39 -19.10
N ARG B 310 -19.56 -6.64 -19.00
CA ARG B 310 -19.92 -7.47 -17.86
C ARG B 310 -19.44 -6.85 -16.55
N LYS B 311 -18.23 -6.29 -16.56
CA LYS B 311 -17.70 -5.65 -15.35
C LYS B 311 -18.57 -4.47 -14.93
N LEU B 312 -19.01 -3.67 -15.90
CA LEU B 312 -19.83 -2.50 -15.56
C LEU B 312 -21.25 -2.90 -15.16
N ARG B 313 -21.76 -3.98 -15.75
CA ARG B 313 -23.19 -4.30 -15.60
C ARG B 313 -23.44 -5.19 -14.39
N THR B 314 -22.59 -6.19 -14.18
CA THR B 314 -22.82 -7.24 -13.19
C THR B 314 -22.51 -6.75 -11.79
N GLN B 315 -21.28 -6.30 -11.54
CA GLN B 315 -20.87 -5.96 -10.19
C GLN B 315 -20.25 -4.57 -10.14
N GLU B 321 -28.82 3.57 -16.26
CA GLU B 321 -27.64 2.87 -16.77
C GLU B 321 -27.02 3.61 -17.95
N VAL B 322 -27.26 4.92 -18.01
CA VAL B 322 -26.74 5.71 -19.13
C VAL B 322 -25.24 5.93 -18.98
N SER B 323 -24.77 6.15 -17.75
CA SER B 323 -23.34 6.30 -17.51
C SER B 323 -22.57 5.01 -17.81
N HIS B 324 -23.21 3.86 -17.72
CA HIS B 324 -22.58 2.62 -18.14
C HIS B 324 -22.26 2.67 -19.64
N TYR B 325 -23.23 3.08 -20.44
CA TYR B 325 -22.99 3.22 -21.88
C TYR B 325 -21.95 4.31 -22.16
N LYS B 326 -21.96 5.39 -21.38
CA LYS B 326 -20.97 6.44 -21.60
C LYS B 326 -19.56 5.94 -21.32
N ARG B 327 -19.36 5.20 -20.23
CA ARG B 327 -18.05 4.64 -19.94
C ARG B 327 -17.65 3.60 -20.98
N LEU B 328 -18.60 2.77 -21.43
CA LEU B 328 -18.28 1.79 -22.46
C LEU B 328 -17.86 2.47 -23.77
N ALA B 329 -18.55 3.54 -24.14
CA ALA B 329 -18.18 4.27 -25.35
C ALA B 329 -16.81 4.93 -25.20
N ARG B 330 -16.52 5.49 -24.03
CA ARG B 330 -15.20 6.07 -23.81
C ARG B 330 -14.12 5.01 -23.92
N SER B 331 -14.35 3.82 -23.36
CA SER B 331 -13.33 2.78 -23.41
C SER B 331 -13.27 2.11 -24.77
N THR B 332 -14.28 2.30 -25.61
CA THR B 332 -14.17 1.89 -27.01
C THR B 332 -13.34 2.89 -27.81
N LEU B 333 -13.58 4.18 -27.59
CA LEU B 333 -12.87 5.23 -28.32
C LEU B 333 -11.43 5.39 -27.86
N LEU B 334 -11.10 4.93 -26.66
CA LEU B 334 -9.69 4.91 -26.25
C LEU B 334 -8.98 3.63 -26.66
N LEU B 335 -9.73 2.59 -27.00
CA LEU B 335 -9.16 1.31 -27.38
C LEU B 335 -9.08 1.12 -28.89
N ILE B 336 -9.76 1.98 -29.66
CA ILE B 336 -9.67 1.95 -31.12
C ILE B 336 -8.25 2.25 -31.60
N PRO B 337 -7.60 3.34 -31.16
CA PRO B 337 -6.26 3.64 -31.69
C PRO B 337 -5.20 2.61 -31.32
N LEU B 338 -5.26 2.00 -30.14
CA LEU B 338 -4.21 1.11 -29.67
C LEU B 338 -4.27 -0.28 -30.29
N PHE B 339 -5.40 -0.68 -30.87
CA PHE B 339 -5.51 -2.00 -31.46
C PHE B 339 -5.49 -1.98 -32.98
N GLY B 340 -5.49 -0.79 -33.58
CA GLY B 340 -5.64 -0.70 -35.02
C GLY B 340 -6.98 -1.24 -35.46
N ILE B 341 -8.05 -0.68 -34.89
CA ILE B 341 -9.41 -1.11 -35.23
C ILE B 341 -9.95 -0.38 -36.44
N HIS B 342 -9.41 0.79 -36.77
CA HIS B 342 -9.85 1.53 -37.95
C HIS B 342 -9.42 0.87 -39.26
N TYR B 343 -8.66 -0.23 -39.20
CA TYR B 343 -8.28 -0.94 -40.41
C TYR B 343 -9.29 -1.97 -40.84
N ILE B 344 -10.17 -2.39 -39.93
CA ILE B 344 -11.20 -3.38 -40.26
C ILE B 344 -12.24 -2.77 -41.20
N VAL B 345 -12.32 -1.43 -41.24
CA VAL B 345 -13.28 -0.78 -42.11
C VAL B 345 -12.98 -1.11 -43.57
N PHE B 346 -11.73 -0.94 -43.98
CA PHE B 346 -11.35 -1.11 -45.37
C PHE B 346 -10.60 -2.42 -45.63
N ALA B 347 -10.39 -3.24 -44.61
CA ALA B 347 -10.07 -4.62 -44.90
C ALA B 347 -11.23 -5.25 -45.67
N PHE B 348 -10.91 -6.18 -46.56
CA PHE B 348 -11.90 -6.83 -47.43
C PHE B 348 -12.69 -5.79 -48.24
N SER B 349 -11.98 -4.84 -48.84
CA SER B 349 -12.66 -3.82 -49.61
C SER B 349 -12.28 -3.92 -51.08
N PRO B 350 -13.20 -3.61 -51.99
CA PRO B 350 -12.90 -3.73 -53.42
C PRO B 350 -11.89 -2.68 -53.86
N GLU B 351 -11.40 -2.84 -55.10
CA GLU B 351 -10.52 -1.85 -55.69
C GLU B 351 -11.27 -0.55 -56.04
N ASP B 352 -12.60 -0.56 -55.94
CA ASP B 352 -13.37 0.61 -56.35
C ASP B 352 -13.18 1.79 -55.42
N ALA B 353 -13.16 1.56 -54.10
CA ALA B 353 -12.95 2.61 -53.12
C ALA B 353 -11.49 2.72 -52.70
N MET B 354 -10.60 2.01 -53.41
CA MET B 354 -9.18 1.98 -53.07
C MET B 354 -8.66 3.38 -52.74
N GLU B 355 -8.91 4.34 -53.62
CA GLU B 355 -8.46 5.71 -53.39
C GLU B 355 -8.84 6.17 -51.99
N ILE B 356 -10.16 6.23 -51.70
CA ILE B 356 -10.54 6.73 -50.39
C ILE B 356 -9.98 5.83 -49.30
N GLN B 357 -9.94 4.51 -49.54
CA GLN B 357 -9.26 3.62 -48.61
C GLN B 357 -7.89 4.17 -48.27
N LEU B 358 -7.02 4.26 -49.28
CA LEU B 358 -5.71 4.88 -49.08
C LEU B 358 -5.87 6.15 -48.27
N PHE B 359 -6.65 7.09 -48.80
CA PHE B 359 -6.81 8.38 -48.14
C PHE B 359 -7.02 8.17 -46.65
N PHE B 360 -8.12 7.50 -46.30
CA PHE B 360 -8.47 7.32 -44.90
C PHE B 360 -7.25 6.88 -44.13
N GLU B 361 -6.77 5.67 -44.43
CA GLU B 361 -5.63 5.14 -43.70
C GLU B 361 -4.46 6.09 -43.83
N LEU B 362 -4.05 6.39 -45.06
CA LEU B 362 -2.83 7.16 -45.21
C LEU B 362 -3.00 8.58 -44.71
N ALA B 363 -4.21 9.13 -44.75
CA ALA B 363 -4.32 10.51 -44.28
C ALA B 363 -4.66 10.56 -42.81
N LEU B 364 -5.05 9.43 -42.21
CA LEU B 364 -5.42 9.41 -40.81
C LEU B 364 -4.74 8.31 -40.02
N GLY B 365 -4.57 7.12 -40.60
CA GLY B 365 -3.77 6.10 -39.95
C GLY B 365 -2.29 6.40 -39.93
N SER B 366 -1.87 7.53 -40.50
CA SER B 366 -0.54 8.05 -40.29
C SER B 366 -0.46 8.97 -39.09
N PHE B 367 -1.60 9.47 -38.63
CA PHE B 367 -1.69 10.18 -37.35
C PHE B 367 -1.98 9.23 -36.19
N GLN B 368 -2.26 7.96 -36.49
CA GLN B 368 -2.62 7.01 -35.43
C GLN B 368 -1.56 6.98 -34.34
N GLY B 369 -0.32 6.69 -34.72
CA GLY B 369 0.78 6.77 -33.76
C GLY B 369 0.63 7.98 -32.87
N LEU B 370 0.52 9.17 -33.47
CA LEU B 370 0.37 10.39 -32.69
C LEU B 370 -0.68 10.22 -31.62
N VAL B 371 -1.93 10.00 -32.01
CA VAL B 371 -3.00 9.93 -31.01
C VAL B 371 -2.70 8.84 -30.01
N VAL B 372 -2.24 7.68 -30.50
CA VAL B 372 -1.86 6.60 -29.59
C VAL B 372 -0.88 7.13 -28.57
N ALA B 373 0.28 7.60 -29.03
CA ALA B 373 1.25 8.19 -28.13
C ALA B 373 0.55 9.12 -27.14
N VAL B 374 -0.15 10.12 -27.67
CA VAL B 374 -0.78 11.12 -26.81
C VAL B 374 -1.52 10.43 -25.68
N LEU B 375 -2.52 9.62 -26.03
CA LEU B 375 -3.28 8.96 -24.98
C LEU B 375 -2.34 8.19 -24.07
N TYR B 376 -1.69 7.18 -24.63
CA TYR B 376 -1.00 6.23 -23.78
C TYR B 376 0.29 6.80 -23.22
N CYS B 377 0.53 8.09 -23.41
CA CYS B 377 1.60 8.73 -22.66
C CYS B 377 1.21 10.07 -22.09
N PHE B 378 0.20 10.75 -22.63
CA PHE B 378 -0.03 12.14 -22.23
C PHE B 378 -1.33 12.31 -21.47
N LEU B 379 -2.28 11.40 -21.62
CA LEU B 379 -3.52 11.43 -20.87
C LEU B 379 -3.58 10.30 -19.86
N ASN B 380 -2.44 9.67 -19.58
CA ASN B 380 -2.32 8.66 -18.54
C ASN B 380 -2.17 9.35 -17.18
N GLY B 381 -2.63 8.69 -16.13
CA GLY B 381 -2.47 9.23 -14.80
C GLY B 381 -1.08 9.00 -14.23
N GLU B 382 -0.58 7.76 -14.35
CA GLU B 382 0.72 7.43 -13.81
C GLU B 382 1.82 8.28 -14.44
N VAL B 383 1.79 8.41 -15.77
CA VAL B 383 2.79 9.19 -16.47
C VAL B 383 2.73 10.65 -16.04
N GLN B 384 1.52 11.20 -16.00
CA GLN B 384 1.36 12.60 -15.62
C GLN B 384 1.89 12.85 -14.21
N LEU B 385 1.56 11.96 -13.27
CA LEU B 385 2.07 12.14 -11.90
C LEU B 385 3.58 12.07 -11.87
N GLU B 386 4.16 11.05 -12.50
CA GLU B 386 5.61 10.88 -12.43
C GLU B 386 6.34 12.06 -13.05
N VAL B 387 5.83 12.60 -14.16
CA VAL B 387 6.53 13.71 -14.79
C VAL B 387 6.29 15.00 -14.01
N GLN B 388 5.10 15.15 -13.41
CA GLN B 388 4.83 16.30 -12.57
C GLN B 388 5.78 16.35 -11.38
N LYS B 389 6.15 15.17 -10.85
CA LYS B 389 7.12 15.13 -9.76
C LYS B 389 8.41 15.84 -10.16
N LYS B 390 9.11 15.31 -11.17
CA LYS B 390 10.41 15.84 -11.56
C LYS B 390 10.29 17.27 -12.10
N TRP B 391 9.12 17.65 -12.60
CA TRP B 391 8.96 19.01 -13.11
C TRP B 391 8.81 20.00 -11.96
N GLN B 392 8.04 19.64 -10.94
CA GLN B 392 7.65 20.63 -9.93
C GLN B 392 8.62 20.67 -8.76
N GLN B 393 9.01 19.50 -8.21
CA GLN B 393 9.98 19.54 -7.12
C GLN B 393 11.41 19.52 -7.66
N TRP B 394 11.55 19.54 -8.99
CA TRP B 394 12.84 19.65 -9.66
C TRP B 394 13.83 18.57 -9.24
N GLN C 8 42.06 -3.36 -2.17
CA GLN C 8 42.42 -4.74 -2.48
C GLN C 8 42.08 -5.11 -3.91
N ARG C 9 40.99 -4.51 -4.43
CA ARG C 9 40.56 -4.59 -5.83
C ARG C 9 40.29 -6.02 -6.28
N ASN C 10 40.42 -6.98 -5.36
CA ASN C 10 39.99 -8.34 -5.60
C ASN C 10 38.77 -8.71 -4.77
N GLU C 11 38.68 -8.17 -3.55
CA GLU C 11 37.48 -8.31 -2.73
C GLU C 11 36.24 -7.82 -3.47
N GLU C 12 36.39 -6.79 -4.29
CA GLU C 12 35.23 -6.15 -4.89
C GLU C 12 34.58 -7.03 -5.94
N LYS C 13 35.36 -7.82 -6.68
CA LYS C 13 34.74 -8.69 -7.66
C LYS C 13 34.13 -9.93 -7.01
N ALA C 14 34.70 -10.38 -5.88
CA ALA C 14 34.04 -11.43 -5.11
C ALA C 14 32.72 -10.94 -4.55
N GLN C 15 32.68 -9.68 -4.10
CA GLN C 15 31.42 -9.07 -3.68
C GLN C 15 30.43 -9.00 -4.84
N ARG C 16 30.91 -8.63 -6.02
CA ARG C 16 30.04 -8.59 -7.19
C ARG C 16 29.52 -9.98 -7.56
N GLU C 17 30.32 -11.02 -7.34
CA GLU C 17 29.88 -12.38 -7.61
C GLU C 17 28.82 -12.84 -6.62
N ALA C 18 29.03 -12.58 -5.33
CA ALA C 18 28.00 -12.84 -4.33
C ALA C 18 26.71 -12.09 -4.67
N ASN C 19 26.84 -10.84 -5.12
CA ASN C 19 25.66 -10.07 -5.49
C ASN C 19 24.96 -10.67 -6.70
N LYS C 20 25.74 -11.18 -7.66
CA LYS C 20 25.14 -11.87 -8.81
C LYS C 20 24.30 -13.06 -8.36
N LYS C 21 24.90 -13.93 -7.53
CA LYS C 21 24.18 -15.10 -7.04
C LYS C 21 22.92 -14.70 -6.28
N ILE C 22 23.06 -13.74 -5.37
CA ILE C 22 21.92 -13.29 -4.56
C ILE C 22 20.83 -12.73 -5.46
N GLU C 23 21.17 -11.90 -6.44
CA GLU C 23 20.15 -11.24 -7.24
C GLU C 23 19.46 -12.22 -8.18
N LYS C 24 20.17 -13.23 -8.68
CA LYS C 24 19.48 -14.22 -9.50
C LYS C 24 18.56 -15.07 -8.64
N GLN C 25 18.96 -15.36 -7.40
CA GLN C 25 18.04 -16.05 -6.50
C GLN C 25 16.83 -15.18 -6.18
N LEU C 26 17.04 -13.87 -6.00
CA LEU C 26 15.94 -12.97 -5.71
C LEU C 26 14.95 -12.91 -6.87
N GLN C 27 15.44 -12.93 -8.10
CA GLN C 27 14.50 -12.90 -9.22
C GLN C 27 13.87 -14.25 -9.47
N LYS C 28 14.51 -15.34 -9.02
CA LYS C 28 13.80 -16.61 -9.00
C LYS C 28 12.69 -16.62 -7.95
N ASP C 29 12.91 -15.94 -6.83
CA ASP C 29 11.91 -15.90 -5.77
C ASP C 29 10.79 -14.90 -6.05
N LYS C 30 11.05 -13.92 -6.91
CA LYS C 30 10.00 -12.97 -7.28
C LYS C 30 8.91 -13.64 -8.09
N GLN C 31 9.26 -14.62 -8.93
CA GLN C 31 8.24 -15.35 -9.67
C GLN C 31 7.32 -16.12 -8.74
N VAL C 32 7.88 -16.68 -7.66
CA VAL C 32 7.06 -17.39 -6.68
C VAL C 32 6.23 -16.40 -5.87
N TYR C 33 6.82 -15.27 -5.50
CA TYR C 33 6.08 -14.30 -4.69
C TYR C 33 4.91 -13.69 -5.45
N ARG C 34 5.09 -13.40 -6.73
CA ARG C 34 4.03 -12.76 -7.49
C ARG C 34 3.04 -13.73 -8.10
N ALA C 35 3.28 -15.03 -8.00
CA ALA C 35 2.34 -16.03 -8.47
C ALA C 35 1.41 -16.53 -7.37
N THR C 36 1.71 -16.24 -6.11
CA THR C 36 0.93 -16.67 -4.98
C THR C 36 0.16 -15.49 -4.43
N HIS C 37 -1.12 -15.71 -4.10
CA HIS C 37 -2.01 -14.67 -3.64
C HIS C 37 -2.24 -14.82 -2.15
N ARG C 38 -2.04 -13.74 -1.41
CA ARG C 38 -2.16 -13.73 0.04
C ARG C 38 -3.53 -13.20 0.44
N LEU C 39 -4.20 -13.92 1.34
CA LEU C 39 -5.53 -13.58 1.78
C LEU C 39 -5.52 -13.40 3.29
N LEU C 40 -6.14 -12.33 3.77
CA LEU C 40 -6.25 -12.11 5.21
C LEU C 40 -7.60 -12.61 5.69
N LEU C 41 -7.59 -13.66 6.51
CA LEU C 41 -8.82 -14.26 7.02
C LEU C 41 -9.19 -13.63 8.35
N LEU C 42 -10.28 -12.87 8.36
CA LEU C 42 -10.79 -12.21 9.55
C LEU C 42 -12.15 -12.78 9.93
N GLY C 43 -12.48 -12.67 11.21
CA GLY C 43 -13.74 -13.16 11.72
C GLY C 43 -13.81 -13.00 13.22
N ALA C 44 -14.70 -13.78 13.83
CA ALA C 44 -14.85 -13.76 15.28
C ALA C 44 -14.80 -15.17 15.82
N ASP C 45 -14.96 -15.32 17.14
CA ASP C 45 -14.89 -16.64 17.76
C ASP C 45 -16.07 -17.51 17.32
N ASN C 46 -17.21 -16.90 17.04
CA ASN C 46 -18.40 -17.63 16.62
C ASN C 46 -18.55 -17.69 15.10
N SER C 47 -17.76 -16.94 14.35
CA SER C 47 -17.96 -16.84 12.91
C SER C 47 -17.74 -18.18 12.22
N GLY C 48 -16.73 -18.94 12.63
CA GLY C 48 -16.48 -20.22 12.02
C GLY C 48 -15.38 -20.23 10.98
N LYS C 49 -14.33 -19.42 11.15
CA LYS C 49 -13.21 -19.43 10.23
C LYS C 49 -12.51 -20.78 10.21
N SER C 50 -12.50 -21.48 11.36
CA SER C 50 -11.84 -22.77 11.44
C SER C 50 -12.42 -23.75 10.43
N THR C 51 -13.75 -23.77 10.29
CA THR C 51 -14.36 -24.69 9.33
C THR C 51 -14.11 -24.25 7.90
N ILE C 52 -14.03 -22.93 7.68
CA ILE C 52 -13.70 -22.44 6.34
C ILE C 52 -12.32 -22.93 5.93
N VAL C 53 -11.32 -22.74 6.79
CA VAL C 53 -9.98 -23.22 6.48
C VAL C 53 -9.91 -24.74 6.52
N LYS C 54 -10.88 -25.39 7.17
CA LYS C 54 -11.01 -26.84 7.06
C LYS C 54 -11.50 -27.24 5.68
N GLN C 55 -12.21 -26.35 4.99
CA GLN C 55 -12.57 -26.59 3.60
C GLN C 55 -11.44 -26.27 2.64
N MET C 56 -10.53 -25.37 3.00
CA MET C 56 -9.37 -25.06 2.15
C MET C 56 -8.23 -26.06 2.39
N ARG C 57 -8.51 -27.31 2.04
CA ARG C 57 -7.54 -28.39 2.25
C ARG C 57 -6.25 -28.10 1.49
N ILE C 58 -6.33 -28.09 0.16
CA ILE C 58 -5.17 -27.90 -0.71
C ILE C 58 -5.65 -27.82 -2.16
N GLY C 202 1.21 -17.22 17.03
CA GLY C 202 1.27 -15.86 16.53
C GLY C 202 0.45 -15.64 15.28
N ILE C 203 0.56 -16.57 14.33
CA ILE C 203 -0.19 -16.51 13.08
C ILE C 203 -0.19 -17.90 12.48
N PHE C 204 -1.30 -18.26 11.84
CA PHE C 204 -1.44 -19.56 11.18
C PHE C 204 -1.62 -19.32 9.68
N GLU C 205 -1.04 -20.19 8.88
CA GLU C 205 -1.15 -20.10 7.43
C GLU C 205 -1.73 -21.39 6.89
N THR C 206 -2.61 -21.28 5.90
CA THR C 206 -3.09 -22.43 5.15
C THR C 206 -2.81 -22.19 3.66
N LYS C 207 -2.38 -23.25 2.99
CA LYS C 207 -2.06 -23.20 1.57
C LYS C 207 -3.09 -24.04 0.83
N PHE C 208 -3.74 -23.45 -0.18
CA PHE C 208 -4.61 -24.23 -1.04
C PHE C 208 -4.38 -23.83 -2.49
N GLN C 209 -4.85 -24.69 -3.39
CA GLN C 209 -4.61 -24.51 -4.81
C GLN C 209 -5.92 -24.69 -5.56
N VAL C 210 -6.27 -23.70 -6.37
CA VAL C 210 -7.45 -23.76 -7.22
C VAL C 210 -7.02 -23.52 -8.65
N ASP C 211 -7.27 -24.49 -9.53
CA ASP C 211 -6.86 -24.41 -10.94
C ASP C 211 -5.38 -24.05 -11.06
N LYS C 212 -4.56 -24.76 -10.28
CA LYS C 212 -3.10 -24.60 -10.24
C LYS C 212 -2.66 -23.22 -9.81
N VAL C 213 -3.55 -22.41 -9.26
CA VAL C 213 -3.19 -21.13 -8.66
C VAL C 213 -3.08 -21.32 -7.16
N ASN C 214 -2.02 -20.78 -6.57
CA ASN C 214 -1.72 -20.97 -5.15
C ASN C 214 -2.24 -19.79 -4.34
N PHE C 215 -2.90 -20.10 -3.22
CA PHE C 215 -3.37 -19.11 -2.28
C PHE C 215 -2.84 -19.43 -0.89
N HIS C 216 -2.33 -18.41 -0.21
CA HIS C 216 -1.89 -18.49 1.17
C HIS C 216 -2.81 -17.62 2.02
N MET C 217 -3.62 -18.26 2.85
CA MET C 217 -4.55 -17.56 3.72
C MET C 217 -4.00 -17.53 5.14
N PHE C 218 -3.95 -16.34 5.72
CA PHE C 218 -3.32 -16.12 7.03
C PHE C 218 -4.39 -15.83 8.07
N ASP C 219 -4.69 -16.84 8.89
CA ASP C 219 -5.53 -16.65 10.06
C ASP C 219 -4.65 -16.21 11.23
N VAL C 220 -4.70 -14.92 11.56
CA VAL C 220 -3.73 -14.36 12.50
C VAL C 220 -3.85 -15.03 13.86
N GLY C 221 -5.05 -15.13 14.43
CA GLY C 221 -5.20 -15.93 15.63
C GLY C 221 -4.56 -15.36 16.87
N GLY C 222 -3.42 -15.92 17.27
CA GLY C 222 -2.86 -15.69 18.58
C GLY C 222 -2.30 -14.31 18.87
N GLN C 223 -3.14 -13.29 18.74
CA GLN C 223 -2.85 -11.94 19.21
C GLN C 223 -3.92 -11.53 20.21
N ARG C 224 -3.65 -10.46 20.94
CA ARG C 224 -4.68 -9.93 21.83
C ARG C 224 -5.70 -9.13 21.01
N ASP C 225 -6.80 -8.75 21.66
CA ASP C 225 -7.99 -8.33 20.92
C ASP C 225 -7.80 -7.02 20.15
N GLU C 226 -6.83 -6.19 20.53
CA GLU C 226 -6.58 -4.94 19.81
C GLU C 226 -5.86 -5.24 18.51
N ARG C 227 -6.36 -4.67 17.41
CA ARG C 227 -5.90 -5.06 16.08
C ARG C 227 -5.62 -3.87 15.17
N ARG C 228 -5.54 -2.65 15.71
CA ARG C 228 -5.35 -1.50 14.84
C ARG C 228 -3.92 -1.36 14.32
N LYS C 229 -2.95 -2.05 14.92
CA LYS C 229 -1.55 -1.93 14.51
C LYS C 229 -1.11 -3.05 13.60
N TRP C 230 -1.41 -4.30 13.95
CA TRP C 230 -0.96 -5.40 13.10
C TRP C 230 -1.79 -5.58 11.84
N ILE C 231 -3.02 -5.06 11.82
CA ILE C 231 -3.84 -5.12 10.61
C ILE C 231 -3.15 -4.43 9.44
N GLN C 232 -2.38 -3.37 9.71
CA GLN C 232 -1.65 -2.67 8.67
C GLN C 232 -0.65 -3.57 7.94
N CYS C 233 -0.24 -4.67 8.57
CA CYS C 233 0.65 -5.60 7.89
C CYS C 233 -0.01 -6.28 6.70
N PHE C 234 -1.29 -6.03 6.44
CA PHE C 234 -2.01 -6.72 5.39
C PHE C 234 -2.60 -5.74 4.38
N ASN C 235 -1.92 -4.63 4.15
CA ASN C 235 -2.35 -3.65 3.16
C ASN C 235 -2.07 -4.10 1.73
N ASP C 236 -1.43 -5.26 1.54
CA ASP C 236 -1.00 -5.71 0.24
C ASP C 236 -1.70 -6.99 -0.20
N VAL C 237 -2.54 -7.59 0.64
CA VAL C 237 -3.12 -8.87 0.31
C VAL C 237 -4.03 -8.74 -0.90
N THR C 238 -4.29 -9.87 -1.56
CA THR C 238 -5.26 -9.89 -2.65
C THR C 238 -6.65 -9.55 -2.14
N ALA C 239 -7.11 -10.23 -1.09
CA ALA C 239 -8.42 -9.97 -0.53
C ALA C 239 -8.41 -10.25 0.97
N ILE C 240 -9.36 -9.61 1.65
CA ILE C 240 -9.65 -9.92 3.05
C ILE C 240 -10.92 -10.77 3.06
N ILE C 241 -10.78 -12.01 3.49
CA ILE C 241 -11.91 -12.92 3.63
C ILE C 241 -12.53 -12.73 5.01
N PHE C 242 -13.72 -12.17 5.04
CA PHE C 242 -14.37 -11.72 6.27
C PHE C 242 -15.54 -12.65 6.56
N VAL C 243 -15.41 -13.47 7.59
CA VAL C 243 -16.45 -14.44 7.95
C VAL C 243 -17.32 -13.86 9.05
N VAL C 244 -18.63 -14.00 8.91
CA VAL C 244 -19.60 -13.45 9.84
C VAL C 244 -20.55 -14.54 10.29
N ASP C 245 -20.82 -14.59 11.60
CA ASP C 245 -21.85 -15.47 12.14
C ASP C 245 -23.18 -14.76 11.97
N SER C 246 -23.85 -15.04 10.85
CA SER C 246 -25.07 -14.34 10.50
C SER C 246 -26.26 -14.73 11.37
N SER C 247 -26.21 -15.89 12.02
CA SER C 247 -27.31 -16.37 12.84
C SER C 247 -27.30 -15.78 14.24
N ASP C 248 -26.31 -14.95 14.57
CA ASP C 248 -26.18 -14.35 15.90
C ASP C 248 -26.42 -12.86 15.75
N TYR C 249 -27.70 -12.45 15.83
CA TYR C 249 -28.05 -11.05 15.63
C TYR C 249 -27.47 -10.15 16.70
N ASN C 250 -27.42 -10.62 17.95
CA ASN C 250 -26.93 -9.80 19.05
C ASN C 250 -25.52 -9.31 18.81
N ARG C 251 -24.72 -10.06 18.04
CA ARG C 251 -23.35 -9.69 17.75
C ARG C 251 -23.18 -9.15 16.33
N LEU C 252 -24.24 -9.14 15.52
CA LEU C 252 -24.10 -8.68 14.15
C LEU C 252 -23.61 -7.25 14.08
N GLN C 253 -24.08 -6.39 15.00
CA GLN C 253 -23.63 -5.00 15.01
C GLN C 253 -22.13 -4.88 15.28
N GLU C 254 -21.53 -5.84 15.99
CA GLU C 254 -20.09 -5.77 16.18
C GLU C 254 -19.36 -6.25 14.93
N ALA C 255 -19.99 -7.12 14.13
CA ALA C 255 -19.39 -7.49 12.85
C ALA C 255 -19.43 -6.32 11.88
N LEU C 256 -20.61 -5.71 11.69
CA LEU C 256 -20.75 -4.56 10.81
C LEU C 256 -19.69 -3.51 11.11
N ASN C 257 -19.61 -3.06 12.37
CA ASN C 257 -18.62 -2.06 12.75
C ASN C 257 -17.22 -2.49 12.33
N LEU C 258 -16.86 -3.75 12.61
CA LEU C 258 -15.56 -4.24 12.18
C LEU C 258 -15.40 -4.08 10.67
N PHE C 259 -16.38 -4.56 9.91
CA PHE C 259 -16.40 -4.32 8.48
C PHE C 259 -16.25 -2.84 8.18
N LYS C 260 -17.05 -2.00 8.85
CA LYS C 260 -17.01 -0.57 8.59
C LYS C 260 -15.63 0.02 8.86
N SER C 261 -14.84 -0.60 9.73
CA SER C 261 -13.52 -0.06 10.02
C SER C 261 -12.49 -0.65 9.07
N ILE C 262 -12.72 -1.86 8.58
CA ILE C 262 -11.81 -2.45 7.60
C ILE C 262 -12.00 -1.78 6.25
N TRP C 263 -13.25 -1.43 5.93
CA TRP C 263 -13.54 -0.79 4.65
C TRP C 263 -12.99 0.63 4.60
N ASN C 264 -12.91 1.30 5.75
CA ASN C 264 -12.60 2.71 5.79
C ASN C 264 -11.18 3.00 6.29
N ASN C 265 -10.38 1.97 6.52
CA ASN C 265 -9.03 2.17 7.03
C ASN C 265 -8.11 2.64 5.92
N ARG C 266 -7.29 3.65 6.22
CA ARG C 266 -6.44 4.28 5.22
C ARG C 266 -5.55 3.27 4.50
N TRP C 267 -5.10 2.24 5.18
CA TRP C 267 -4.20 1.26 4.60
C TRP C 267 -4.94 0.06 4.02
N LEU C 268 -6.23 -0.06 4.25
CA LEU C 268 -7.03 -1.14 3.69
C LEU C 268 -8.12 -0.63 2.75
N ARG C 269 -8.09 0.66 2.42
CA ARG C 269 -9.13 1.29 1.61
C ARG C 269 -9.08 0.90 0.15
N THR C 270 -8.15 0.01 -0.25
CA THR C 270 -8.13 -0.52 -1.60
C THR C 270 -8.21 -2.03 -1.64
N ILE C 271 -8.25 -2.70 -0.50
CA ILE C 271 -8.35 -4.15 -0.44
C ILE C 271 -9.82 -4.52 -0.55
N SER C 272 -10.12 -5.49 -1.41
CA SER C 272 -11.49 -5.98 -1.54
C SER C 272 -11.77 -7.03 -0.47
N VAL C 273 -13.02 -7.10 -0.04
CA VAL C 273 -13.44 -7.99 1.03
C VAL C 273 -14.37 -9.04 0.47
N ILE C 274 -13.95 -10.30 0.54
CA ILE C 274 -14.80 -11.44 0.23
C ILE C 274 -15.58 -11.77 1.49
N LEU C 275 -16.86 -11.45 1.50
CA LEU C 275 -17.69 -11.55 2.70
C LEU C 275 -18.43 -12.88 2.73
N PHE C 276 -18.12 -13.71 3.71
CA PHE C 276 -18.78 -15.00 3.89
C PHE C 276 -19.74 -14.90 5.05
N LEU C 277 -21.03 -14.90 4.76
CA LEU C 277 -22.07 -14.94 5.78
C LEU C 277 -22.31 -16.41 6.11
N ASN C 278 -21.59 -16.90 7.12
CA ASN C 278 -21.54 -18.31 7.45
C ASN C 278 -22.75 -18.73 8.28
N LYS C 279 -22.92 -20.04 8.41
CA LYS C 279 -23.95 -20.63 9.27
C LYS C 279 -25.35 -20.22 8.83
N GLN C 280 -25.66 -20.53 7.57
CA GLN C 280 -26.96 -20.17 7.03
C GLN C 280 -28.05 -21.11 7.51
N ASP C 281 -27.73 -22.38 7.76
CA ASP C 281 -28.71 -23.30 8.32
C ASP C 281 -29.13 -22.88 9.73
N LEU C 282 -28.20 -22.34 10.51
CA LEU C 282 -28.55 -21.84 11.83
C LEU C 282 -29.49 -20.65 11.74
N LEU C 283 -29.19 -19.71 10.82
CA LEU C 283 -30.11 -18.59 10.60
C LEU C 283 -31.46 -19.07 10.13
N ALA C 284 -31.48 -20.11 9.29
CA ALA C 284 -32.74 -20.66 8.80
C ALA C 284 -33.59 -21.20 9.96
N GLU C 285 -33.00 -22.07 10.78
CA GLU C 285 -33.77 -22.66 11.86
C GLU C 285 -34.14 -21.62 12.93
N LYS C 286 -33.30 -20.58 13.09
CA LYS C 286 -33.63 -19.52 14.03
C LYS C 286 -34.78 -18.66 13.51
N VAL C 287 -34.84 -18.43 12.21
CA VAL C 287 -35.92 -17.65 11.63
C VAL C 287 -37.22 -18.44 11.65
N LEU C 288 -37.15 -19.74 11.37
CA LEU C 288 -38.37 -20.55 11.34
C LEU C 288 -38.84 -20.88 12.74
N ALA C 289 -37.96 -20.79 13.75
CA ALA C 289 -38.40 -21.00 15.12
C ALA C 289 -39.29 -19.86 15.59
N GLY C 290 -38.98 -18.63 15.18
CA GLY C 290 -39.79 -17.48 15.47
C GLY C 290 -39.56 -16.84 16.82
N LYS C 291 -38.75 -17.44 17.68
CA LYS C 291 -38.51 -16.91 19.02
C LYS C 291 -37.53 -15.75 19.05
N SER C 292 -36.86 -15.47 17.93
CA SER C 292 -35.85 -14.42 17.86
C SER C 292 -36.19 -13.49 16.70
N LYS C 293 -36.51 -12.24 17.02
CA LYS C 293 -36.93 -11.25 16.03
C LYS C 293 -35.74 -10.39 15.62
N ILE C 294 -35.47 -10.36 14.32
CA ILE C 294 -34.43 -9.49 13.81
C ILE C 294 -34.81 -8.02 14.00
N GLU C 295 -36.12 -7.73 14.06
CA GLU C 295 -36.57 -6.36 14.28
C GLU C 295 -36.25 -5.86 15.68
N ASP C 296 -35.95 -6.76 16.62
CA ASP C 296 -35.57 -6.34 17.96
C ASP C 296 -34.18 -5.71 17.96
N TYR C 297 -33.24 -6.26 17.20
CA TYR C 297 -31.89 -5.74 17.09
C TYR C 297 -31.75 -4.73 15.96
N PHE C 298 -32.50 -4.89 14.87
CA PHE C 298 -32.46 -3.96 13.74
C PHE C 298 -33.86 -3.48 13.45
N PRO C 299 -34.23 -2.28 13.88
CA PRO C 299 -35.61 -1.79 13.69
C PRO C 299 -35.96 -1.44 12.25
N GLU C 300 -35.01 -1.52 11.32
CA GLU C 300 -35.28 -1.28 9.92
C GLU C 300 -35.58 -2.56 9.15
N PHE C 301 -35.82 -3.67 9.84
CA PHE C 301 -36.21 -4.92 9.20
C PHE C 301 -37.71 -5.02 8.99
N ALA C 302 -38.50 -4.21 9.70
CA ALA C 302 -39.94 -4.22 9.48
C ALA C 302 -40.31 -3.63 8.14
N ARG C 303 -39.56 -2.63 7.66
CA ARG C 303 -39.82 -1.95 6.41
C ARG C 303 -38.92 -2.44 5.28
N TYR C 304 -38.57 -3.71 5.28
CA TYR C 304 -37.67 -4.29 4.29
C TYR C 304 -38.34 -5.44 3.56
N THR C 305 -38.07 -5.55 2.26
CA THR C 305 -38.61 -6.60 1.43
C THR C 305 -37.51 -7.19 0.56
N THR C 306 -37.66 -8.46 0.21
CA THR C 306 -36.67 -9.18 -0.57
C THR C 306 -36.36 -8.40 -1.85
N PRO C 307 -35.09 -8.05 -2.08
CA PRO C 307 -34.76 -7.21 -3.24
C PRO C 307 -35.06 -7.90 -4.56
N GLU C 308 -34.92 -7.13 -5.64
CA GLU C 308 -35.24 -7.64 -6.97
C GLU C 308 -34.26 -8.74 -7.39
N ASP C 309 -32.97 -8.41 -7.50
CA ASP C 309 -31.94 -9.40 -7.80
C ASP C 309 -31.62 -10.22 -6.55
N ALA C 310 -32.57 -11.07 -6.18
CA ALA C 310 -32.46 -11.94 -5.00
C ALA C 310 -32.88 -13.35 -5.40
N THR C 311 -31.91 -14.16 -5.77
CA THR C 311 -32.13 -15.54 -6.18
C THR C 311 -32.24 -16.45 -4.97
N PRO C 312 -33.43 -16.90 -4.60
CA PRO C 312 -33.56 -17.78 -3.44
C PRO C 312 -33.15 -19.22 -3.76
N GLU C 313 -32.77 -19.94 -2.73
CA GLU C 313 -32.48 -21.36 -2.85
C GLU C 313 -33.76 -22.13 -3.10
N PRO C 314 -33.69 -23.26 -3.80
CA PRO C 314 -34.87 -24.12 -3.92
C PRO C 314 -35.38 -24.58 -2.57
N GLY C 315 -36.71 -24.65 -2.47
CA GLY C 315 -37.36 -25.09 -1.24
C GLY C 315 -37.05 -24.23 -0.04
N GLU C 316 -36.94 -22.92 -0.24
CA GLU C 316 -36.57 -21.99 0.81
C GLU C 316 -37.78 -21.15 1.21
N ASP C 317 -37.97 -20.97 2.51
CA ASP C 317 -39.04 -20.11 3.00
C ASP C 317 -38.72 -18.65 2.71
N PRO C 318 -39.71 -17.83 2.38
CA PRO C 318 -39.42 -16.44 2.01
C PRO C 318 -38.99 -15.56 3.18
N ARG C 319 -39.42 -15.87 4.41
CA ARG C 319 -38.92 -15.12 5.56
C ARG C 319 -37.42 -15.33 5.73
N VAL C 320 -36.95 -16.56 5.50
CA VAL C 320 -35.52 -16.84 5.50
C VAL C 320 -34.81 -15.96 4.47
N THR C 321 -35.41 -15.81 3.29
CA THR C 321 -34.82 -14.99 2.24
C THR C 321 -34.75 -13.53 2.65
N ARG C 322 -35.84 -13.00 3.22
CA ARG C 322 -35.82 -11.63 3.73
C ARG C 322 -34.73 -11.45 4.76
N ALA C 323 -34.62 -12.39 5.71
CA ALA C 323 -33.62 -12.29 6.76
C ALA C 323 -32.22 -12.25 6.20
N LYS C 324 -31.88 -13.25 5.37
CA LYS C 324 -30.50 -13.33 4.88
C LYS C 324 -30.16 -12.17 3.96
N TYR C 325 -31.11 -11.69 3.16
CA TYR C 325 -30.79 -10.60 2.26
C TYR C 325 -30.75 -9.27 2.99
N PHE C 326 -31.52 -9.13 4.07
CA PHE C 326 -31.37 -7.95 4.92
C PHE C 326 -30.01 -7.93 5.58
N ILE C 327 -29.57 -9.08 6.10
CA ILE C 327 -28.25 -9.17 6.71
C ILE C 327 -27.16 -8.84 5.70
N ARG C 328 -27.28 -9.37 4.48
CA ARG C 328 -26.30 -9.09 3.43
C ARG C 328 -26.32 -7.61 3.03
N ASP C 329 -27.51 -7.02 2.91
CA ASP C 329 -27.59 -5.62 2.50
C ASP C 329 -27.11 -4.69 3.59
N GLU C 330 -27.13 -5.13 4.85
CA GLU C 330 -26.54 -4.33 5.92
C GLU C 330 -25.05 -4.12 5.70
N PHE C 331 -24.35 -5.14 5.20
CA PHE C 331 -22.94 -4.99 4.85
C PHE C 331 -22.77 -4.28 3.52
N LEU C 332 -23.62 -4.58 2.55
CA LEU C 332 -23.52 -3.95 1.24
C LEU C 332 -23.75 -2.45 1.29
N ARG C 333 -24.53 -1.95 2.26
CA ARG C 333 -24.66 -0.50 2.40
C ARG C 333 -23.34 0.15 2.80
N ILE C 334 -22.64 -0.44 3.77
CA ILE C 334 -21.31 0.03 4.13
C ILE C 334 -20.37 -0.08 2.93
N SER C 335 -20.46 -1.19 2.20
CA SER C 335 -19.59 -1.41 1.06
C SER C 335 -19.79 -0.38 -0.04
N THR C 336 -21.02 0.07 -0.26
CA THR C 336 -21.30 1.02 -1.32
C THR C 336 -21.19 2.47 -0.88
N ALA C 337 -21.32 2.76 0.41
CA ALA C 337 -21.28 4.15 0.86
C ALA C 337 -19.92 4.80 0.64
N SER C 338 -18.84 4.02 0.58
CA SER C 338 -17.50 4.58 0.44
C SER C 338 -16.63 3.86 -0.58
N GLY C 339 -17.01 2.69 -1.07
CA GLY C 339 -16.21 1.99 -2.05
C GLY C 339 -16.53 2.43 -3.47
N ASP C 340 -15.71 3.33 -4.01
CA ASP C 340 -15.96 3.94 -5.32
C ASP C 340 -15.16 3.26 -6.41
N GLY C 341 -15.50 2.00 -6.67
CA GLY C 341 -14.85 1.24 -7.71
C GLY C 341 -13.41 0.86 -7.43
N ARG C 342 -12.82 1.39 -6.36
CA ARG C 342 -11.47 1.01 -5.98
C ARG C 342 -11.42 -0.36 -5.31
N HIS C 343 -12.46 -0.72 -4.57
CA HIS C 343 -12.56 -2.06 -3.99
C HIS C 343 -14.03 -2.40 -3.84
N TYR C 344 -14.32 -3.70 -3.82
CA TYR C 344 -15.69 -4.18 -3.78
C TYR C 344 -15.82 -5.30 -2.76
N CYS C 345 -17.02 -5.43 -2.23
CA CYS C 345 -17.40 -6.55 -1.36
C CYS C 345 -18.05 -7.64 -2.20
N TYR C 346 -17.71 -8.88 -1.93
CA TYR C 346 -18.22 -10.05 -2.65
C TYR C 346 -18.96 -10.93 -1.66
N PRO C 347 -20.22 -10.63 -1.35
CA PRO C 347 -20.94 -11.42 -0.34
C PRO C 347 -21.36 -12.78 -0.85
N HIS C 348 -21.19 -13.79 0.00
CA HIS C 348 -21.63 -15.15 -0.29
C HIS C 348 -22.32 -15.72 0.95
N PHE C 349 -23.41 -16.45 0.72
CA PHE C 349 -24.09 -17.18 1.78
C PHE C 349 -23.54 -18.60 1.81
N THR C 350 -22.97 -19.00 2.94
CA THR C 350 -22.36 -20.31 3.06
C THR C 350 -22.76 -20.94 4.38
N CYS C 351 -22.67 -22.26 4.45
CA CYS C 351 -22.87 -23.01 5.68
C CYS C 351 -21.62 -23.84 5.96
N ALA C 352 -21.68 -24.67 7.01
CA ALA C 352 -20.52 -25.45 7.42
C ALA C 352 -20.26 -26.66 6.55
N VAL C 353 -21.19 -27.01 5.64
CA VAL C 353 -21.01 -28.19 4.79
C VAL C 353 -20.77 -27.83 3.34
N ASP C 354 -20.63 -26.54 3.01
CA ASP C 354 -20.34 -26.17 1.63
C ASP C 354 -18.91 -26.53 1.26
N THR C 355 -18.75 -27.09 0.07
CA THR C 355 -17.44 -27.48 -0.44
C THR C 355 -16.85 -26.49 -1.43
N GLU C 356 -17.68 -25.66 -2.05
CA GLU C 356 -17.22 -24.69 -3.04
C GLU C 356 -16.95 -23.32 -2.44
N ASN C 357 -16.04 -23.23 -1.46
CA ASN C 357 -15.61 -21.93 -0.96
C ASN C 357 -14.28 -21.52 -1.57
N ALA C 358 -13.40 -22.49 -1.80
CA ALA C 358 -12.13 -22.21 -2.46
C ALA C 358 -12.36 -21.68 -3.87
N ARG C 359 -13.33 -22.25 -4.59
CA ARG C 359 -13.62 -21.77 -5.93
C ARG C 359 -14.25 -20.38 -5.88
N ARG C 360 -15.03 -20.08 -4.83
CA ARG C 360 -15.58 -18.74 -4.70
C ARG C 360 -14.49 -17.71 -4.47
N ILE C 361 -13.50 -18.05 -3.64
CA ILE C 361 -12.38 -17.15 -3.42
C ILE C 361 -11.54 -17.02 -4.69
N PHE C 362 -11.40 -18.12 -5.44
CA PHE C 362 -10.70 -18.07 -6.71
C PHE C 362 -11.37 -17.13 -7.70
N ASN C 363 -12.70 -17.22 -7.79
CA ASN C 363 -13.44 -16.37 -8.73
C ASN C 363 -13.40 -14.91 -8.30
N ASP C 364 -13.56 -14.65 -7.00
CA ASP C 364 -13.49 -13.28 -6.53
C ASP C 364 -12.10 -12.69 -6.72
N CYS C 365 -11.06 -13.52 -6.58
CA CYS C 365 -9.71 -13.05 -6.80
C CYS C 365 -9.46 -12.76 -8.27
N ARG C 366 -9.97 -13.62 -9.15
CA ARG C 366 -9.93 -13.34 -10.58
C ARG C 366 -10.59 -12.01 -10.90
N ASP C 367 -11.77 -11.77 -10.33
CA ASP C 367 -12.47 -10.52 -10.59
C ASP C 367 -11.68 -9.31 -10.07
N ILE C 368 -11.07 -9.44 -8.89
CA ILE C 368 -10.27 -8.34 -8.34
C ILE C 368 -9.09 -8.04 -9.26
N ILE C 369 -8.39 -9.09 -9.72
CA ILE C 369 -7.25 -8.90 -10.60
C ILE C 369 -7.67 -8.26 -11.92
N GLN C 370 -8.79 -8.74 -12.48
CA GLN C 370 -9.26 -8.20 -13.75
C GLN C 370 -9.64 -6.73 -13.62
N ARG C 371 -10.27 -6.35 -12.51
CA ARG C 371 -10.57 -4.94 -12.32
C ARG C 371 -9.32 -4.10 -12.09
N MET C 372 -8.30 -4.67 -11.46
CA MET C 372 -7.03 -3.96 -11.33
C MET C 372 -6.42 -3.72 -12.71
N HIS C 373 -6.46 -4.72 -13.58
CA HIS C 373 -5.94 -4.56 -14.94
C HIS C 373 -6.75 -3.53 -15.72
N LEU C 374 -8.08 -3.60 -15.61
CA LEU C 374 -8.95 -2.65 -16.28
C LEU C 374 -8.84 -1.24 -15.73
N ARG C 375 -8.31 -1.07 -14.52
CA ARG C 375 -8.02 0.25 -14.00
C ARG C 375 -6.61 0.72 -14.33
N GLN C 376 -5.69 -0.20 -14.63
CA GLN C 376 -4.36 0.19 -15.10
C GLN C 376 -4.44 0.89 -16.46
N TYR C 377 -5.19 0.31 -17.38
CA TYR C 377 -5.42 0.82 -18.72
C TYR C 377 -6.37 1.97 -18.77
N GLU C 378 -6.89 2.39 -17.62
CA GLU C 378 -7.87 3.47 -17.54
C GLU C 378 -9.09 3.14 -18.40
N LEU C 379 -9.47 1.86 -18.40
CA LEU C 379 -10.65 1.40 -19.11
C LEU C 379 -11.88 1.30 -18.21
N LEU C 380 -11.74 1.67 -16.94
CA LEU C 380 -12.82 1.55 -15.97
C LEU C 380 -12.49 2.34 -14.72
N GLN D 12 -18.02 -1.17 47.83
CA GLN D 12 -16.80 -1.38 48.59
C GLN D 12 -15.88 -0.17 48.45
N SER D 13 -15.54 0.46 49.57
CA SER D 13 -14.77 1.69 49.57
C SER D 13 -13.30 1.49 49.25
N GLU D 14 -12.85 0.25 49.02
CA GLU D 14 -11.45 0.02 48.67
C GLU D 14 -11.12 0.66 47.33
N LEU D 15 -11.95 0.41 46.32
CA LEU D 15 -11.72 1.00 45.00
C LEU D 15 -11.82 2.52 45.06
N ASP D 16 -12.75 3.04 45.86
CA ASP D 16 -12.90 4.49 45.96
C ASP D 16 -11.66 5.12 46.60
N GLN D 17 -11.16 4.54 47.69
CA GLN D 17 -10.04 5.15 48.37
C GLN D 17 -8.75 4.97 47.58
N LEU D 18 -8.63 3.88 46.83
CA LEU D 18 -7.48 3.74 45.94
C LEU D 18 -7.56 4.72 44.78
N ARG D 19 -8.77 4.94 44.24
CA ARG D 19 -8.97 5.96 43.22
C ARG D 19 -8.52 7.32 43.70
N GLN D 20 -8.97 7.72 44.91
CA GLN D 20 -8.62 9.04 45.40
C GLN D 20 -7.15 9.13 45.82
N GLU D 21 -6.57 8.02 46.30
CA GLU D 21 -5.12 8.00 46.57
C GLU D 21 -4.33 8.20 45.29
N ALA D 22 -4.73 7.50 44.22
CA ALA D 22 -4.05 7.63 42.94
C ALA D 22 -4.18 9.04 42.40
N GLU D 23 -5.38 9.64 42.52
CA GLU D 23 -5.55 11.02 42.07
C GLU D 23 -4.73 11.98 42.93
N GLN D 24 -4.69 11.76 44.24
CA GLN D 24 -3.90 12.58 45.14
C GLN D 24 -2.44 12.62 44.72
N LEU D 25 -1.79 11.45 44.67
CA LEU D 25 -0.36 11.47 44.38
C LEU D 25 -0.07 11.71 42.90
N LYS D 26 -1.02 11.39 42.00
CA LYS D 26 -0.86 11.75 40.59
C LYS D 26 -0.85 13.26 40.41
N ASN D 27 -1.77 13.97 41.07
CA ASN D 27 -1.75 15.42 41.00
C ASN D 27 -0.56 16.00 41.76
N GLN D 28 -0.08 15.29 42.79
CA GLN D 28 1.18 15.67 43.42
C GLN D 28 2.32 15.65 42.42
N ILE D 29 2.41 14.57 41.62
CA ILE D 29 3.43 14.48 40.58
C ILE D 29 3.21 15.56 39.53
N ARG D 30 1.94 15.86 39.22
CA ARG D 30 1.63 16.92 38.27
C ARG D 30 2.19 18.26 38.73
N ASP D 31 1.99 18.61 40.00
CA ASP D 31 2.49 19.89 40.50
C ASP D 31 4.00 19.86 40.71
N ALA D 32 4.58 18.68 40.96
CA ALA D 32 6.02 18.58 41.06
C ALA D 32 6.69 18.79 39.70
N ARG D 33 6.19 18.12 38.67
CA ARG D 33 6.56 18.45 37.29
C ARG D 33 6.35 19.93 37.02
N LYS D 34 5.26 20.49 37.56
CA LYS D 34 5.00 21.92 37.42
C LYS D 34 5.95 22.77 38.25
N ALA D 35 6.42 22.27 39.39
CA ALA D 35 7.28 23.04 40.27
C ALA D 35 8.73 23.06 39.81
N CYS D 36 9.00 22.67 38.56
CA CYS D 36 10.33 22.79 37.99
C CYS D 36 10.35 23.46 36.63
N ALA D 37 9.19 23.66 36.01
CA ALA D 37 9.12 24.33 34.70
C ALA D 37 9.28 25.84 34.91
N ASP D 38 10.53 26.27 34.99
CA ASP D 38 10.85 27.68 35.11
C ASP D 38 10.82 28.40 33.77
N ALA D 39 11.06 27.71 32.67
CA ALA D 39 11.04 28.30 31.34
C ALA D 39 10.78 27.20 30.33
N THR D 40 10.97 27.50 29.05
CA THR D 40 10.77 26.53 27.98
C THR D 40 12.08 26.35 27.23
N LEU D 41 12.19 25.22 26.54
CA LEU D 41 13.33 25.00 25.66
C LEU D 41 13.37 26.03 24.54
N SER D 42 12.21 26.52 24.09
CA SER D 42 12.18 27.50 23.01
C SER D 42 12.80 28.82 23.44
N GLN D 43 12.55 29.25 24.68
CA GLN D 43 13.08 30.51 25.15
C GLN D 43 14.52 30.42 25.65
N ILE D 44 14.98 29.23 26.02
CA ILE D 44 16.40 29.05 26.32
C ILE D 44 17.21 28.99 25.04
N THR D 45 16.63 28.39 23.99
CA THR D 45 17.20 28.42 22.65
C THR D 45 16.63 29.55 21.81
N ASN D 46 16.12 30.60 22.45
CA ASN D 46 15.63 31.77 21.74
C ASN D 46 16.76 32.57 21.08
N ASN D 47 18.00 32.35 21.52
CA ASN D 47 19.15 33.09 21.01
C ASN D 47 20.07 32.27 20.12
N ILE D 48 19.84 30.96 20.01
CA ILE D 48 20.74 30.12 19.23
C ILE D 48 20.53 30.39 17.74
N ASP D 49 21.48 29.92 16.93
CA ASP D 49 21.40 30.12 15.50
C ASP D 49 20.58 29.01 14.85
N PRO D 50 19.65 29.37 13.96
CA PRO D 50 18.97 28.35 13.16
C PRO D 50 19.95 27.64 12.23
N VAL D 51 19.65 26.38 11.95
CA VAL D 51 20.53 25.59 11.09
C VAL D 51 20.28 25.89 9.61
N GLY D 52 19.29 26.72 9.29
CA GLY D 52 19.05 27.11 7.92
C GLY D 52 18.05 26.22 7.20
N ARG D 53 18.51 25.60 6.11
CA ARG D 53 17.69 24.68 5.33
C ARG D 53 18.53 23.46 4.99
N ILE D 54 18.19 22.32 5.58
CA ILE D 54 18.96 21.10 5.42
C ILE D 54 18.58 20.48 4.08
N GLN D 55 19.44 20.62 3.09
CA GLN D 55 19.24 20.03 1.77
C GLN D 55 20.04 18.74 1.70
N MET D 56 19.34 17.62 1.55
CA MET D 56 19.94 16.31 1.43
C MET D 56 19.41 15.63 0.18
N ARG D 57 20.26 14.81 -0.43
CA ARG D 57 19.94 14.18 -1.70
C ARG D 57 20.09 12.67 -1.59
N THR D 58 19.34 11.95 -2.42
CA THR D 58 19.42 10.50 -2.44
C THR D 58 20.71 10.04 -3.09
N ARG D 59 21.68 9.63 -2.28
CA ARG D 59 22.95 9.16 -2.80
C ARG D 59 22.83 7.75 -3.37
N ARG D 60 22.30 6.82 -2.58
CA ARG D 60 22.05 5.47 -3.06
C ARG D 60 20.55 5.20 -3.02
N THR D 61 20.14 4.20 -3.80
CA THR D 61 18.76 3.71 -3.76
C THR D 61 18.85 2.19 -3.86
N LEU D 62 18.48 1.52 -2.78
CA LEU D 62 18.68 0.08 -2.64
C LEU D 62 17.45 -0.65 -3.15
N ARG D 63 17.65 -1.53 -4.12
CA ARG D 63 16.58 -2.26 -4.77
C ARG D 63 16.81 -3.75 -4.64
N GLY D 64 15.72 -4.51 -4.54
CA GLY D 64 15.84 -5.95 -4.42
C GLY D 64 14.79 -6.57 -3.53
N HIS D 65 14.12 -5.75 -2.73
CA HIS D 65 13.02 -6.22 -1.90
C HIS D 65 11.75 -6.29 -2.73
N LEU D 66 10.98 -7.37 -2.57
CA LEU D 66 9.78 -7.56 -3.37
C LEU D 66 8.56 -6.87 -2.78
N ALA D 67 8.50 -6.71 -1.47
CA ALA D 67 7.32 -6.19 -0.79
C ALA D 67 7.75 -4.99 0.05
N LYS D 68 6.83 -4.51 0.87
CA LYS D 68 7.09 -3.34 1.70
C LYS D 68 8.24 -3.62 2.66
N ILE D 69 9.07 -2.61 2.88
CA ILE D 69 10.11 -2.69 3.89
C ILE D 69 9.52 -2.20 5.21
N TYR D 70 9.58 -3.03 6.24
CA TYR D 70 8.97 -2.64 7.50
C TYR D 70 10.00 -2.21 8.54
N ALA D 71 11.21 -2.76 8.49
CA ALA D 71 12.24 -2.44 9.46
C ALA D 71 13.58 -2.34 8.75
N MET D 72 14.52 -1.71 9.44
CA MET D 72 15.86 -1.46 8.95
C MET D 72 16.75 -1.11 10.13
N HIS D 73 17.84 -1.84 10.30
CA HIS D 73 18.82 -1.49 11.32
C HIS D 73 20.18 -1.27 10.68
N TRP D 74 20.87 -0.26 11.18
CA TRP D 74 22.16 0.17 10.66
C TRP D 74 23.25 -0.52 11.45
N GLY D 75 24.20 -1.14 10.76
CA GLY D 75 25.30 -1.81 11.43
C GLY D 75 26.26 -0.84 12.06
N THR D 76 27.03 -1.35 13.03
CA THR D 76 28.07 -0.51 13.64
C THR D 76 29.21 -0.24 12.66
N ASP D 77 29.36 -1.08 11.64
CA ASP D 77 30.25 -0.82 10.51
C ASP D 77 30.06 0.56 9.91
N SER D 78 28.87 1.15 10.10
CA SER D 78 28.44 2.37 9.42
C SER D 78 28.43 2.21 7.91
N ARG D 79 28.52 0.98 7.45
CA ARG D 79 28.51 0.61 6.03
C ARG D 79 27.50 -0.48 5.72
N LEU D 80 27.31 -1.46 6.62
CA LEU D 80 26.43 -2.58 6.38
C LEU D 80 25.03 -2.27 6.89
N LEU D 81 24.03 -2.78 6.20
CA LEU D 81 22.64 -2.66 6.59
C LEU D 81 22.02 -4.04 6.73
N VAL D 82 21.00 -4.12 7.57
CA VAL D 82 20.05 -5.20 7.52
C VAL D 82 18.68 -4.57 7.30
N SER D 83 17.88 -5.21 6.46
CA SER D 83 16.55 -4.69 6.16
C SER D 83 15.58 -5.85 6.11
N ALA D 84 14.39 -5.62 6.67
CA ALA D 84 13.35 -6.63 6.72
C ALA D 84 12.17 -6.16 5.88
N SER D 85 11.73 -7.02 4.97
CA SER D 85 10.59 -6.75 4.13
C SER D 85 9.57 -7.87 4.33
N GLN D 86 8.29 -7.51 4.27
CA GLN D 86 7.27 -8.52 4.55
C GLN D 86 6.97 -9.37 3.32
N ASP D 87 8.03 -9.92 2.74
CA ASP D 87 7.93 -11.00 1.78
C ASP D 87 8.69 -12.22 2.25
N GLY D 88 9.44 -12.11 3.34
CA GLY D 88 10.19 -13.22 3.87
C GLY D 88 11.68 -13.14 3.64
N LYS D 89 12.25 -11.94 3.67
CA LYS D 89 13.65 -11.75 3.30
C LYS D 89 14.33 -10.79 4.26
N LEU D 90 15.43 -11.25 4.86
CA LEU D 90 16.40 -10.39 5.53
C LEU D 90 17.56 -10.20 4.56
N ILE D 91 17.79 -8.97 4.13
CA ILE D 91 18.83 -8.68 3.16
C ILE D 91 19.90 -7.86 3.87
N ILE D 92 21.05 -8.47 4.14
CA ILE D 92 22.21 -7.71 4.58
C ILE D 92 22.80 -7.00 3.37
N TRP D 93 23.15 -5.73 3.55
CA TRP D 93 23.41 -4.84 2.43
C TRP D 93 24.71 -4.08 2.67
N ASP D 94 25.47 -3.88 1.60
CA ASP D 94 26.63 -3.00 1.62
C ASP D 94 26.23 -1.67 0.99
N SER D 95 26.20 -0.61 1.78
CA SER D 95 25.67 0.66 1.30
C SER D 95 26.64 1.37 0.37
N TYR D 96 27.94 1.13 0.52
CA TYR D 96 28.91 1.79 -0.35
C TYR D 96 28.78 1.35 -1.79
N THR D 97 28.70 0.05 -2.02
CA THR D 97 28.63 -0.52 -3.36
C THR D 97 27.23 -0.96 -3.75
N THR D 98 26.23 -0.75 -2.89
CA THR D 98 24.85 -1.21 -3.10
C THR D 98 24.76 -2.71 -3.36
N ASN D 99 25.72 -3.49 -2.87
CA ASN D 99 25.73 -4.92 -3.10
C ASN D 99 25.02 -5.64 -1.96
N LYS D 100 24.50 -6.83 -2.28
CA LYS D 100 23.78 -7.66 -1.31
C LYS D 100 24.74 -8.69 -0.74
N VAL D 101 25.20 -8.45 0.49
CA VAL D 101 26.09 -9.40 1.15
C VAL D 101 25.35 -10.70 1.44
N HIS D 102 24.15 -10.61 2.00
CA HIS D 102 23.34 -11.78 2.32
C HIS D 102 21.89 -11.54 1.95
N ALA D 103 21.17 -12.64 1.76
CA ALA D 103 19.72 -12.61 1.58
C ALA D 103 19.17 -13.82 2.33
N ILE D 104 18.55 -13.58 3.48
CA ILE D 104 18.11 -14.64 4.37
C ILE D 104 16.62 -14.88 4.13
N PRO D 105 16.21 -16.10 3.76
CA PRO D 105 14.77 -16.41 3.67
C PRO D 105 14.24 -16.78 5.04
N LEU D 106 13.13 -16.15 5.43
CA LEU D 106 12.55 -16.36 6.74
C LEU D 106 11.42 -17.37 6.69
N ARG D 107 11.16 -17.99 7.84
CA ARG D 107 10.04 -18.91 7.95
C ARG D 107 8.70 -18.18 7.97
N SER D 108 8.59 -17.11 8.75
CA SER D 108 7.39 -16.29 8.80
C SER D 108 7.61 -15.02 7.99
N SER D 109 6.76 -14.81 7.00
CA SER D 109 6.88 -13.67 6.09
C SER D 109 6.62 -12.34 6.78
N TRP D 110 5.88 -12.33 7.89
CA TRP D 110 5.34 -11.09 8.44
C TRP D 110 6.26 -10.57 9.54
N VAL D 111 7.43 -10.09 9.13
CA VAL D 111 8.41 -9.53 10.05
C VAL D 111 8.13 -8.06 10.22
N MET D 112 8.18 -7.59 11.46
CA MET D 112 7.96 -6.19 11.77
C MET D 112 9.19 -5.50 12.35
N THR D 113 10.26 -6.25 12.61
CA THR D 113 11.46 -5.65 13.18
C THR D 113 12.67 -6.46 12.72
N CYS D 114 13.84 -5.82 12.82
CA CYS D 114 15.11 -6.47 12.54
C CYS D 114 16.19 -5.74 13.32
N ALA D 115 17.23 -6.48 13.67
CA ALA D 115 18.32 -5.92 14.45
C ALA D 115 19.64 -6.50 13.97
N TYR D 116 20.69 -5.70 14.08
CA TYR D 116 22.04 -6.08 13.71
C TYR D 116 22.90 -6.01 14.97
N ALA D 117 23.52 -7.14 15.32
CA ALA D 117 24.32 -7.20 16.53
C ALA D 117 25.46 -6.18 16.48
N PRO D 118 25.76 -5.51 17.60
CA PRO D 118 26.82 -4.50 17.59
C PRO D 118 28.20 -5.07 17.29
N SER D 119 28.37 -6.38 17.36
CA SER D 119 29.61 -7.02 16.94
C SER D 119 29.58 -7.45 15.48
N GLY D 120 28.40 -7.58 14.89
CA GLY D 120 28.27 -7.92 13.49
C GLY D 120 28.10 -9.39 13.20
N ASN D 121 28.08 -10.25 14.22
CA ASN D 121 28.08 -11.69 13.98
C ASN D 121 26.66 -12.24 13.78
N TYR D 122 25.65 -11.60 14.36
CA TYR D 122 24.29 -12.10 14.31
C TYR D 122 23.33 -11.00 13.90
N VAL D 123 22.24 -11.41 13.27
CA VAL D 123 21.10 -10.52 13.07
C VAL D 123 19.91 -11.10 13.83
N ALA D 124 18.91 -10.26 14.06
CA ALA D 124 17.67 -10.67 14.71
C ALA D 124 16.49 -10.16 13.90
N CYS D 125 15.42 -10.93 13.85
CA CYS D 125 14.19 -10.51 13.21
C CYS D 125 13.01 -11.21 13.88
N GLY D 126 11.88 -10.51 13.92
CA GLY D 126 10.66 -11.10 14.46
C GLY D 126 9.47 -10.28 14.06
N GLY D 127 8.35 -10.97 13.85
CA GLY D 127 7.13 -10.29 13.45
C GLY D 127 5.87 -10.83 14.09
N LEU D 128 4.90 -11.17 13.24
CA LEU D 128 3.60 -11.67 13.67
C LEU D 128 3.66 -13.13 14.12
N ASP D 129 4.83 -13.74 14.17
CA ASP D 129 4.96 -15.12 14.63
C ASP D 129 5.28 -15.19 16.13
N ASN D 130 5.45 -14.05 16.79
CA ASN D 130 5.70 -13.91 18.22
C ASN D 130 7.06 -14.46 18.62
N ILE D 131 7.92 -14.81 17.67
CA ILE D 131 9.22 -15.39 17.94
C ILE D 131 10.29 -14.40 17.48
N CYS D 132 11.36 -14.29 18.25
CA CYS D 132 12.52 -13.51 17.86
C CYS D 132 13.60 -14.46 17.33
N SER D 133 13.83 -14.42 16.02
CA SER D 133 14.82 -15.30 15.40
C SER D 133 16.17 -14.59 15.36
N ILE D 134 17.21 -15.28 15.82
CA ILE D 134 18.58 -14.83 15.71
C ILE D 134 19.29 -15.72 14.71
N TYR D 135 19.95 -15.10 13.74
CA TYR D 135 20.66 -15.77 12.65
C TYR D 135 22.15 -15.49 12.81
N ASN D 136 22.95 -16.54 12.66
CA ASN D 136 24.41 -16.41 12.69
C ASN D 136 24.92 -16.00 11.31
N LEU D 137 25.65 -14.90 11.26
CA LEU D 137 26.22 -14.39 10.02
C LEU D 137 27.66 -14.84 9.79
N LYS D 138 28.35 -15.28 10.84
CA LYS D 138 29.79 -15.54 10.81
C LYS D 138 30.09 -16.99 11.09
N THR D 139 29.36 -17.89 10.44
CA THR D 139 29.56 -19.32 10.66
C THR D 139 30.80 -19.79 9.91
N ARG D 140 31.40 -20.89 10.41
CA ARG D 140 32.57 -21.44 9.75
C ARG D 140 32.19 -22.45 8.67
N GLU D 141 31.09 -23.19 8.87
CA GLU D 141 30.70 -24.20 7.89
C GLU D 141 30.15 -23.57 6.61
N GLY D 142 29.94 -22.26 6.61
CA GLY D 142 29.70 -21.53 5.38
C GLY D 142 28.25 -21.28 5.02
N ASN D 143 27.39 -21.10 6.02
CA ASN D 143 25.99 -20.85 5.78
C ASN D 143 25.47 -19.86 6.81
N VAL D 144 24.40 -19.17 6.45
CA VAL D 144 23.67 -18.32 7.38
C VAL D 144 22.38 -19.06 7.76
N ARG D 145 22.38 -19.68 8.93
CA ARG D 145 21.26 -20.46 9.40
C ARG D 145 20.72 -19.88 10.70
N VAL D 146 19.58 -20.42 11.14
CA VAL D 146 18.90 -19.90 12.32
C VAL D 146 19.72 -20.27 13.54
N SER D 147 20.27 -19.27 14.23
CA SER D 147 21.02 -19.53 15.45
C SER D 147 20.09 -19.95 16.59
N ARG D 148 19.02 -19.19 16.80
CA ARG D 148 18.06 -19.57 17.84
C ARG D 148 16.73 -18.88 17.60
N GLU D 149 15.68 -19.47 18.19
CA GLU D 149 14.33 -18.90 18.19
C GLU D 149 13.91 -18.62 19.61
N LEU D 150 13.75 -17.34 19.95
CA LEU D 150 13.28 -16.94 21.27
C LEU D 150 11.77 -16.88 21.26
N ALA D 151 11.13 -17.81 21.96
CA ALA D 151 9.68 -17.88 22.08
C ALA D 151 9.26 -17.59 23.51
N GLY D 152 8.09 -16.98 23.66
CA GLY D 152 7.61 -16.62 24.98
C GLY D 152 6.77 -15.36 25.03
N HIS D 153 6.68 -14.65 23.92
CA HIS D 153 5.73 -13.55 23.83
C HIS D 153 4.36 -14.07 23.41
N THR D 154 3.32 -13.39 23.91
CA THR D 154 1.93 -13.71 23.58
C THR D 154 1.33 -12.63 22.67
N GLY D 155 2.19 -11.89 21.98
CA GLY D 155 1.76 -10.92 21.00
C GLY D 155 2.85 -10.77 19.97
N TYR D 156 2.53 -10.05 18.90
CA TYR D 156 3.52 -9.84 17.84
C TYR D 156 4.71 -9.08 18.40
N LEU D 157 5.89 -9.39 17.86
CA LEU D 157 7.12 -8.75 18.29
C LEU D 157 7.39 -7.57 17.38
N SER D 158 7.46 -6.37 17.96
CA SER D 158 7.51 -5.15 17.17
C SER D 158 8.89 -4.50 17.12
N CYS D 159 9.73 -4.75 18.11
CA CYS D 159 11.08 -4.20 18.13
C CYS D 159 12.00 -5.12 18.91
N CYS D 160 13.25 -5.21 18.47
CA CYS D 160 14.27 -6.01 19.14
C CYS D 160 15.60 -5.33 18.97
N ARG D 161 16.42 -5.36 20.01
CA ARG D 161 17.71 -4.69 20.02
C ARG D 161 18.70 -5.52 20.82
N PHE D 162 19.90 -5.69 20.28
CA PHE D 162 20.97 -6.39 20.98
C PHE D 162 21.64 -5.47 21.99
N LEU D 163 21.89 -6.00 23.19
CA LEU D 163 22.79 -5.34 24.12
C LEU D 163 24.22 -5.85 23.94
N ASP D 164 24.36 -7.10 23.57
CA ASP D 164 25.62 -7.74 23.18
C ASP D 164 25.24 -8.97 22.36
N ASP D 165 26.21 -9.82 22.07
CA ASP D 165 25.91 -10.99 21.25
C ASP D 165 25.20 -12.09 22.04
N ASN D 166 24.98 -11.89 23.34
CA ASN D 166 24.31 -12.88 24.17
C ASN D 166 22.97 -12.42 24.73
N GLN D 167 22.73 -11.10 24.83
CA GLN D 167 21.51 -10.59 25.41
C GLN D 167 20.79 -9.67 24.44
N ILE D 168 19.49 -9.90 24.26
CA ILE D 168 18.66 -9.08 23.39
C ILE D 168 17.40 -8.71 24.14
N VAL D 169 16.97 -7.45 23.99
CA VAL D 169 15.71 -6.97 24.55
C VAL D 169 14.71 -6.82 23.44
N THR D 170 13.55 -7.46 23.58
CA THR D 170 12.51 -7.46 22.56
C THR D 170 11.21 -6.95 23.15
N SER D 171 10.55 -6.07 22.42
CA SER D 171 9.25 -5.53 22.81
C SER D 171 8.15 -6.13 21.94
N SER D 172 7.03 -6.46 22.57
CA SER D 172 5.97 -7.18 21.89
C SER D 172 4.64 -6.45 21.99
N GLY D 173 3.69 -6.91 21.18
CA GLY D 173 2.32 -6.43 21.21
C GLY D 173 1.53 -6.86 22.42
N ASP D 174 2.06 -7.79 23.22
CA ASP D 174 1.41 -8.26 24.44
C ASP D 174 1.64 -7.31 25.62
N THR D 175 2.01 -6.07 25.34
CA THR D 175 2.16 -4.96 26.28
C THR D 175 3.42 -5.06 27.14
N THR D 176 4.24 -6.09 26.95
CA THR D 176 5.41 -6.32 27.80
C THR D 176 6.68 -6.38 26.96
N CYS D 177 7.78 -5.95 27.55
CA CYS D 177 9.12 -6.15 27.01
C CYS D 177 9.80 -7.31 27.72
N ALA D 178 10.84 -7.85 27.09
CA ALA D 178 11.52 -9.00 27.66
C ALA D 178 12.99 -8.96 27.30
N LEU D 179 13.84 -9.07 28.32
CA LEU D 179 15.28 -9.23 28.15
C LEU D 179 15.61 -10.71 28.23
N TRP D 180 16.26 -11.22 27.19
CA TRP D 180 16.51 -12.64 27.03
C TRP D 180 17.99 -12.95 27.27
N ASP D 181 18.31 -14.23 27.22
CA ASP D 181 19.68 -14.74 27.20
C ASP D 181 19.76 -15.66 25.98
N ILE D 182 20.47 -15.24 24.94
CA ILE D 182 20.39 -15.93 23.66
C ILE D 182 21.03 -17.31 23.73
N GLU D 183 22.10 -17.46 24.51
CA GLU D 183 22.76 -18.76 24.58
C GLU D 183 21.85 -19.83 25.17
N THR D 184 21.08 -19.49 26.20
CA THR D 184 20.15 -20.42 26.82
C THR D 184 18.77 -20.40 26.16
N GLY D 185 18.35 -19.27 25.60
CA GLY D 185 17.04 -19.18 24.99
C GLY D 185 15.92 -18.94 25.97
N GLN D 186 16.24 -18.55 27.19
CA GLN D 186 15.26 -18.36 28.25
C GLN D 186 15.11 -16.88 28.56
N GLN D 187 13.87 -16.43 28.67
CA GLN D 187 13.59 -15.04 29.03
C GLN D 187 14.01 -14.80 30.47
N THR D 188 14.96 -13.89 30.67
CA THR D 188 15.49 -13.66 32.00
C THR D 188 14.84 -12.48 32.72
N THR D 189 14.25 -11.54 32.00
CA THR D 189 13.58 -10.42 32.66
C THR D 189 12.35 -10.01 31.85
N THR D 190 11.27 -9.65 32.54
CA THR D 190 10.05 -9.19 31.90
C THR D 190 9.70 -7.81 32.45
N PHE D 191 9.45 -6.88 31.54
CA PHE D 191 9.13 -5.50 31.87
C PHE D 191 7.67 -5.28 31.54
N THR D 192 6.84 -5.11 32.58
CA THR D 192 5.41 -4.93 32.43
C THR D 192 4.99 -3.58 32.99
N GLY D 193 3.87 -3.08 32.49
CA GLY D 193 3.38 -1.78 32.93
C GLY D 193 2.69 -1.00 31.83
N HIS D 194 2.93 -1.38 30.58
CA HIS D 194 2.25 -0.75 29.46
C HIS D 194 0.86 -1.35 29.29
N THR D 195 -0.11 -0.49 28.99
CA THR D 195 -1.50 -0.91 28.80
C THR D 195 -1.89 -0.97 27.34
N GLY D 196 -0.91 -0.97 26.43
CA GLY D 196 -1.18 -1.12 25.01
C GLY D 196 -0.04 -1.84 24.33
N ASP D 197 -0.21 -2.09 23.04
CA ASP D 197 0.85 -2.66 22.24
C ASP D 197 2.11 -1.80 22.36
N VAL D 198 3.23 -2.44 22.69
CA VAL D 198 4.52 -1.76 22.71
C VAL D 198 5.04 -1.74 21.27
N MET D 199 5.37 -0.56 20.77
CA MET D 199 5.70 -0.42 19.35
C MET D 199 7.18 -0.28 19.08
N SER D 200 7.95 0.30 19.99
CA SER D 200 9.32 0.70 19.68
C SER D 200 10.20 0.51 20.91
N LEU D 201 11.50 0.37 20.66
CA LEU D 201 12.52 0.31 21.69
C LEU D 201 13.68 1.23 21.34
N SER D 202 14.37 1.69 22.38
CA SER D 202 15.56 2.51 22.20
C SER D 202 16.46 2.28 23.41
N LEU D 203 17.68 1.84 23.17
CA LEU D 203 18.64 1.56 24.23
C LEU D 203 19.45 2.80 24.55
N ALA D 204 19.82 2.93 25.83
CA ALA D 204 20.69 4.01 26.23
C ALA D 204 22.09 3.79 25.63
N PRO D 205 22.89 4.85 25.51
CA PRO D 205 24.28 4.68 25.03
C PRO D 205 25.04 3.57 25.74
N ASP D 206 24.94 3.49 27.07
CA ASP D 206 25.64 2.42 27.80
C ASP D 206 24.82 1.14 27.88
N THR D 207 23.63 1.12 27.28
CA THR D 207 22.72 -0.03 27.30
C THR D 207 22.37 -0.48 28.71
N ARG D 208 22.39 0.44 29.68
CA ARG D 208 22.01 0.14 31.05
C ARG D 208 20.54 0.46 31.32
N LEU D 209 19.97 1.42 30.59
CA LEU D 209 18.55 1.69 30.61
C LEU D 209 18.00 1.50 29.20
N PHE D 210 16.68 1.49 29.08
CA PHE D 210 16.07 1.57 27.76
C PHE D 210 14.65 2.12 27.88
N VAL D 211 14.26 2.91 26.90
CA VAL D 211 12.97 3.59 26.91
C VAL D 211 12.07 2.91 25.89
N SER D 212 10.78 2.88 26.19
CA SER D 212 9.81 2.17 25.39
C SER D 212 8.58 3.03 25.16
N GLY D 213 7.96 2.88 23.99
CA GLY D 213 6.73 3.59 23.70
C GLY D 213 5.61 2.62 23.35
N ALA D 214 4.41 2.85 23.86
CA ALA D 214 3.34 1.89 23.64
C ALA D 214 2.12 2.54 23.00
N CYS D 215 1.16 1.70 22.62
CA CYS D 215 -0.08 2.17 22.02
C CYS D 215 -1.06 2.62 23.10
N ASP D 216 -0.57 3.44 24.01
CA ASP D 216 -1.41 4.05 25.04
C ASP D 216 -0.99 5.50 25.27
N ALA D 217 -0.22 6.07 24.34
CA ALA D 217 0.30 7.44 24.43
C ALA D 217 1.26 7.61 25.60
N SER D 218 1.95 6.54 25.99
CA SER D 218 2.88 6.59 27.12
C SER D 218 4.21 5.94 26.76
N ALA D 219 5.26 6.51 27.35
CA ALA D 219 6.62 5.99 27.26
C ALA D 219 7.11 5.67 28.66
N LYS D 220 7.94 4.64 28.77
CA LYS D 220 8.45 4.18 30.05
C LYS D 220 9.95 3.94 29.98
N LEU D 221 10.65 4.40 31.01
CA LEU D 221 12.08 4.16 31.17
C LEU D 221 12.28 2.93 32.05
N TRP D 222 13.03 1.95 31.56
CA TRP D 222 13.28 0.71 32.28
C TRP D 222 14.76 0.57 32.61
N ASP D 223 15.05 0.08 33.81
CA ASP D 223 16.38 -0.38 34.15
C ASP D 223 16.50 -1.86 33.77
N VAL D 224 17.55 -2.18 33.00
CA VAL D 224 17.64 -3.50 32.39
C VAL D 224 17.87 -4.58 33.43
N ARG D 225 18.88 -4.41 34.29
CA ARG D 225 19.33 -5.52 35.12
C ARG D 225 18.31 -5.87 36.20
N GLU D 226 17.69 -4.87 36.82
CA GLU D 226 16.73 -5.16 37.88
C GLU D 226 15.37 -5.51 37.31
N GLY D 227 14.90 -4.76 36.31
CA GLY D 227 13.65 -5.08 35.66
C GLY D 227 12.47 -4.24 36.09
N MET D 228 12.70 -3.02 36.56
CA MET D 228 11.64 -2.15 37.02
C MET D 228 11.46 -0.97 36.07
N CYS D 229 10.36 -0.26 36.24
CA CYS D 229 10.09 0.95 35.48
C CYS D 229 10.48 2.15 36.35
N ARG D 230 11.34 3.02 35.82
CA ARG D 230 11.81 4.15 36.61
C ARG D 230 10.90 5.35 36.44
N GLN D 231 10.65 5.77 35.20
CA GLN D 231 9.83 6.94 34.94
C GLN D 231 8.82 6.64 33.85
N THR D 232 7.70 7.36 33.89
CA THR D 232 6.66 7.27 32.87
C THR D 232 6.38 8.66 32.34
N PHE D 233 6.22 8.76 31.02
CA PHE D 233 6.04 10.03 30.33
C PHE D 233 4.77 9.97 29.50
N THR D 234 3.90 10.96 29.68
CA THR D 234 2.71 11.15 28.88
C THR D 234 2.71 12.56 28.30
N GLY D 235 1.77 12.81 27.41
CA GLY D 235 1.71 14.09 26.73
C GLY D 235 1.28 13.92 25.29
N HIS D 236 1.40 12.71 24.77
CA HIS D 236 0.89 12.41 23.45
C HIS D 236 -0.59 12.10 23.51
N GLU D 237 -1.27 12.25 22.38
CA GLU D 237 -2.71 12.03 22.33
C GLU D 237 -3.08 10.68 21.71
N SER D 238 -2.14 10.03 21.03
CA SER D 238 -2.45 8.74 20.41
C SER D 238 -1.27 7.79 20.54
N ASP D 239 -1.35 6.65 19.85
CA ASP D 239 -0.32 5.62 19.94
C ASP D 239 1.05 6.18 19.62
N ILE D 240 2.07 5.66 20.29
CA ILE D 240 3.46 6.01 20.04
C ILE D 240 4.07 4.94 19.16
N ASN D 241 4.43 5.31 17.92
CA ASN D 241 4.93 4.37 16.94
C ASN D 241 6.44 4.19 16.95
N ALA D 242 7.19 5.16 17.48
CA ALA D 242 8.63 5.15 17.37
C ALA D 242 9.25 5.95 18.50
N ILE D 243 10.34 5.41 19.05
CA ILE D 243 11.09 6.06 20.11
C ILE D 243 12.57 5.96 19.78
N CYS D 244 13.33 6.97 20.19
CA CYS D 244 14.77 7.02 19.95
C CYS D 244 15.41 7.90 21.01
N PHE D 245 16.62 7.52 21.42
CA PHE D 245 17.31 8.24 22.47
C PHE D 245 18.07 9.46 21.92
N PHE D 246 18.34 10.40 22.81
CA PHE D 246 19.27 11.47 22.50
C PHE D 246 20.70 10.95 22.64
N PRO D 247 21.64 11.41 21.80
CA PRO D 247 23.00 10.86 21.81
C PRO D 247 23.67 10.80 23.18
N ASN D 248 23.32 11.69 24.10
CA ASN D 248 23.90 11.63 25.44
C ASN D 248 23.09 10.77 26.40
N GLY D 249 21.92 10.31 25.99
CA GLY D 249 21.10 9.44 26.82
C GLY D 249 20.37 10.13 27.95
N ASN D 250 20.31 11.46 27.95
CA ASN D 250 19.60 12.21 28.98
C ASN D 250 18.31 12.82 28.44
N ALA D 251 17.82 12.32 27.32
CA ALA D 251 16.58 12.75 26.70
C ALA D 251 16.20 11.71 25.65
N PHE D 252 15.01 11.86 25.09
CA PHE D 252 14.59 11.01 23.99
C PHE D 252 13.47 11.69 23.22
N ALA D 253 13.09 11.08 22.10
CA ALA D 253 12.04 11.62 21.23
C ALA D 253 11.06 10.51 20.87
N THR D 254 9.77 10.89 20.83
CA THR D 254 8.68 9.98 20.52
C THR D 254 7.88 10.53 19.35
N GLY D 255 7.51 9.65 18.43
CA GLY D 255 6.63 10.01 17.32
C GLY D 255 5.35 9.20 17.41
N SER D 256 4.22 9.87 17.16
CA SER D 256 2.91 9.30 17.45
C SER D 256 1.97 9.43 16.27
N ASP D 257 0.82 8.76 16.38
CA ASP D 257 -0.25 8.86 15.39
C ASP D 257 -0.98 10.19 15.43
N ASP D 258 -0.77 11.00 16.46
CA ASP D 258 -1.41 12.30 16.55
C ASP D 258 -0.68 13.38 15.77
N ALA D 259 0.21 12.99 14.86
CA ALA D 259 0.89 13.88 13.91
C ALA D 259 1.87 14.83 14.58
N THR D 260 2.46 14.42 15.72
CA THR D 260 3.41 15.27 16.42
C THR D 260 4.58 14.43 16.90
N CYS D 261 5.70 15.10 17.13
CA CYS D 261 6.85 14.51 17.80
C CYS D 261 7.05 15.24 19.12
N ARG D 262 7.60 14.52 20.10
CA ARG D 262 7.86 15.14 21.39
C ARG D 262 9.21 14.72 21.93
N LEU D 263 9.95 15.71 22.42
CA LEU D 263 11.23 15.51 23.08
C LEU D 263 11.00 15.58 24.58
N PHE D 264 11.39 14.52 25.28
CA PHE D 264 11.26 14.37 26.72
C PHE D 264 12.64 14.31 27.37
N ASP D 265 12.73 14.77 28.61
CA ASP D 265 13.96 14.75 29.38
C ASP D 265 13.86 13.76 30.54
N LEU D 266 14.96 13.09 30.83
CA LEU D 266 14.95 12.04 31.85
C LEU D 266 15.16 12.60 33.25
N ARG D 267 15.65 13.84 33.37
CA ARG D 267 15.98 14.38 34.68
C ARG D 267 14.89 15.32 35.19
N ALA D 268 14.43 16.24 34.35
CA ALA D 268 13.29 17.07 34.73
C ALA D 268 11.99 16.30 34.66
N ASP D 269 11.97 15.18 33.92
CA ASP D 269 10.83 14.27 33.87
C ASP D 269 9.56 14.99 33.38
N GLN D 270 9.62 15.54 32.17
CA GLN D 270 8.46 16.12 31.52
C GLN D 270 8.82 16.42 30.07
N GLU D 271 7.78 16.55 29.25
CA GLU D 271 7.96 16.85 27.84
C GLU D 271 8.68 18.18 27.67
N LEU D 272 9.81 18.15 26.96
CA LEU D 272 10.60 19.34 26.70
C LEU D 272 10.12 20.11 25.48
N MET D 273 9.71 19.42 24.42
CA MET D 273 9.40 20.12 23.18
C MET D 273 8.45 19.30 22.32
N THR D 274 7.67 19.99 21.50
CA THR D 274 6.77 19.36 20.54
C THR D 274 7.05 19.90 19.14
N TYR D 275 7.18 18.97 18.19
CA TYR D 275 7.45 19.28 16.78
C TYR D 275 6.21 18.92 15.99
N SER D 276 5.49 19.94 15.52
CA SER D 276 4.26 19.75 14.77
C SER D 276 4.03 20.92 13.85
N HIS D 277 3.17 20.71 12.85
CA HIS D 277 2.78 21.76 11.93
C HIS D 277 1.37 21.50 11.45
N ASP D 278 0.63 22.57 11.19
CA ASP D 278 -0.78 22.46 10.82
C ASP D 278 -0.95 21.68 9.52
N ASN D 279 0.01 21.80 8.60
CA ASN D 279 -0.09 21.08 7.33
C ASN D 279 0.25 19.60 7.48
N ILE D 280 0.68 19.16 8.65
CA ILE D 280 1.03 17.76 8.90
C ILE D 280 -0.07 17.18 9.77
N ILE D 281 -0.90 16.31 9.19
CA ILE D 281 -1.98 15.68 9.94
C ILE D 281 -1.87 14.17 9.77
N CYS D 282 -0.68 13.68 9.44
CA CYS D 282 -0.42 12.25 9.37
C CYS D 282 0.52 11.83 10.49
N GLY D 283 0.50 10.54 10.80
CA GLY D 283 1.26 10.02 11.93
C GLY D 283 2.72 9.77 11.62
N ILE D 284 3.56 9.89 12.65
CA ILE D 284 4.98 9.63 12.54
C ILE D 284 5.23 8.14 12.70
N THR D 285 5.95 7.55 11.75
CA THR D 285 6.22 6.13 11.75
C THR D 285 7.60 5.78 12.30
N SER D 286 8.53 6.72 12.29
CA SER D 286 9.90 6.45 12.71
C SER D 286 10.58 7.77 13.03
N VAL D 287 11.53 7.71 13.98
CA VAL D 287 12.33 8.87 14.36
C VAL D 287 13.77 8.43 14.58
N SER D 288 14.67 9.41 14.51
CA SER D 288 16.08 9.17 14.76
C SER D 288 16.77 10.52 14.91
N PHE D 289 17.83 10.55 15.69
CA PHE D 289 18.62 11.74 15.93
C PHE D 289 19.91 11.68 15.13
N SER D 290 20.39 12.84 14.69
CA SER D 290 21.72 12.90 14.10
C SER D 290 22.78 12.76 15.20
N LYS D 291 24.02 12.49 14.77
CA LYS D 291 25.09 12.21 15.72
C LYS D 291 25.30 13.36 16.71
N SER D 292 25.00 14.58 16.31
CA SER D 292 25.16 15.71 17.23
C SER D 292 23.94 15.91 18.11
N GLY D 293 22.77 15.45 17.67
CA GLY D 293 21.54 15.72 18.35
C GLY D 293 20.88 17.03 17.99
N ARG D 294 21.40 17.73 16.98
CA ARG D 294 20.81 18.98 16.51
C ARG D 294 19.71 18.77 15.49
N LEU D 295 19.71 17.63 14.80
CA LEU D 295 18.68 17.31 13.83
C LEU D 295 17.89 16.11 14.30
N LEU D 296 16.57 16.17 14.12
CA LEU D 296 15.67 15.08 14.44
C LEU D 296 14.99 14.64 13.15
N LEU D 297 15.24 13.40 12.75
CA LEU D 297 14.65 12.85 11.55
C LEU D 297 13.32 12.19 11.91
N ALA D 298 12.29 12.39 11.11
CA ALA D 298 10.98 11.81 11.39
C ALA D 298 10.33 11.37 10.10
N GLY D 299 10.06 10.07 9.96
CA GLY D 299 9.34 9.57 8.81
C GLY D 299 7.85 9.66 9.06
N TYR D 300 7.09 9.96 8.01
CA TYR D 300 5.66 10.20 8.13
C TYR D 300 4.86 9.28 7.21
N ASP D 301 3.54 9.39 7.34
CA ASP D 301 2.60 8.69 6.48
C ASP D 301 2.35 9.40 5.16
N ASP D 302 2.72 10.68 5.06
CA ASP D 302 2.57 11.43 3.81
C ASP D 302 3.66 11.11 2.81
N PHE D 303 4.35 9.99 2.99
CA PHE D 303 5.31 9.35 2.09
C PHE D 303 6.71 9.97 2.15
N ASN D 304 6.97 10.99 2.95
CA ASN D 304 8.30 11.59 3.00
C ASN D 304 8.78 11.71 4.44
N CYS D 305 10.05 12.04 4.61
CA CYS D 305 10.61 12.31 5.92
C CYS D 305 10.79 13.81 6.13
N ASN D 306 10.86 14.22 7.38
CA ASN D 306 11.05 15.62 7.73
C ASN D 306 12.22 15.74 8.69
N VAL D 307 13.08 16.71 8.42
CA VAL D 307 14.23 16.97 9.26
C VAL D 307 13.92 18.21 10.10
N TRP D 308 13.87 18.03 11.42
CA TRP D 308 13.48 19.05 12.37
C TRP D 308 14.71 19.59 13.05
N ASP D 309 14.76 20.90 13.24
CA ASP D 309 15.76 21.49 14.13
C ASP D 309 15.34 21.21 15.56
N ALA D 310 15.93 20.18 16.17
CA ALA D 310 15.48 19.66 17.45
C ALA D 310 15.65 20.64 18.61
N LEU D 311 16.10 21.86 18.36
CA LEU D 311 16.22 22.87 19.39
C LEU D 311 15.32 24.08 19.20
N LYS D 312 14.84 24.32 17.98
CA LYS D 312 13.90 25.38 17.72
C LYS D 312 12.54 24.88 17.23
N ALA D 313 12.42 23.58 16.95
CA ALA D 313 11.19 22.91 16.55
C ALA D 313 10.70 23.33 15.18
N ASP D 314 11.36 24.28 14.54
CA ASP D 314 11.02 24.66 13.18
C ASP D 314 11.64 23.65 12.22
N ARG D 315 10.83 23.16 11.29
CA ARG D 315 11.32 22.17 10.34
C ARG D 315 12.44 22.77 9.50
N ALA D 316 13.51 22.00 9.31
CA ALA D 316 14.67 22.46 8.59
C ALA D 316 14.80 21.84 7.20
N GLY D 317 14.20 20.69 6.96
CA GLY D 317 14.34 20.09 5.64
C GLY D 317 13.34 18.99 5.41
N VAL D 318 13.31 18.51 4.18
CA VAL D 318 12.41 17.45 3.76
C VAL D 318 13.20 16.43 2.96
N LEU D 319 12.90 15.16 3.15
CA LEU D 319 13.42 14.07 2.33
C LEU D 319 12.22 13.47 1.61
N ALA D 320 11.96 13.97 0.41
CA ALA D 320 10.77 13.59 -0.35
C ALA D 320 11.19 12.85 -1.61
N GLY D 321 11.34 11.53 -1.48
CA GLY D 321 11.66 10.73 -2.64
C GLY D 321 10.95 9.39 -2.68
N HIS D 322 10.11 9.11 -1.69
CA HIS D 322 9.49 7.81 -1.55
C HIS D 322 8.07 7.85 -2.11
N ASP D 323 7.66 6.72 -2.70
CA ASP D 323 6.37 6.60 -3.36
C ASP D 323 5.27 6.10 -2.44
N ASN D 324 5.62 5.57 -1.27
CA ASN D 324 4.63 5.01 -0.36
C ASN D 324 5.02 5.42 1.06
N ARG D 325 4.40 4.76 2.03
CA ARG D 325 4.61 5.08 3.44
C ARG D 325 6.05 4.83 3.85
N VAL D 326 6.62 5.79 4.57
CA VAL D 326 7.99 5.67 5.08
C VAL D 326 7.93 4.88 6.37
N SER D 327 8.54 3.69 6.36
CA SER D 327 8.50 2.80 7.52
C SER D 327 9.55 3.18 8.56
N CYS D 328 10.81 3.30 8.14
CA CYS D 328 11.93 3.26 9.06
C CYS D 328 13.00 4.27 8.66
N LEU D 329 13.63 4.84 9.68
CA LEU D 329 14.76 5.76 9.57
C LEU D 329 15.95 5.20 10.32
N GLY D 330 17.15 5.48 9.81
CA GLY D 330 18.35 5.10 10.51
C GLY D 330 19.52 6.00 10.23
N VAL D 331 20.12 6.56 11.28
CA VAL D 331 21.33 7.37 11.18
C VAL D 331 22.51 6.52 11.59
N THR D 332 23.61 6.64 10.85
CA THR D 332 24.80 5.86 11.10
C THR D 332 25.42 6.22 12.46
N ASP D 333 26.31 5.33 12.93
CA ASP D 333 27.05 5.64 14.15
C ASP D 333 28.00 6.82 13.94
N ASP D 334 28.65 6.90 12.78
CA ASP D 334 29.52 8.04 12.51
C ASP D 334 28.75 9.26 12.02
N GLY D 335 27.47 9.10 11.68
CA GLY D 335 26.61 10.22 11.36
C GLY D 335 26.68 10.71 9.94
N MET D 336 27.14 9.88 9.01
CA MET D 336 27.34 10.35 7.64
C MET D 336 26.14 10.09 6.74
N ALA D 337 25.36 9.04 6.98
CA ALA D 337 24.29 8.68 6.07
C ALA D 337 23.00 8.54 6.86
N VAL D 338 21.89 8.58 6.12
CA VAL D 338 20.56 8.36 6.68
C VAL D 338 19.82 7.42 5.76
N ALA D 339 19.62 6.19 6.19
CA ALA D 339 18.83 5.23 5.45
C ALA D 339 17.36 5.46 5.77
N THR D 340 16.52 5.41 4.74
CA THR D 340 15.07 5.42 4.92
C THR D 340 14.48 4.27 4.13
N GLY D 341 13.80 3.38 4.83
CA GLY D 341 12.99 2.38 4.18
C GLY D 341 11.60 2.88 3.96
N SER D 342 10.83 2.13 3.18
CA SER D 342 9.47 2.56 2.89
C SER D 342 8.66 1.38 2.39
N TRP D 343 7.35 1.60 2.31
CA TRP D 343 6.43 0.62 1.76
C TRP D 343 6.49 0.54 0.24
N ASP D 344 7.27 1.42 -0.40
CA ASP D 344 7.53 1.32 -1.84
C ASP D 344 8.61 0.30 -2.16
N SER D 345 9.15 -0.38 -1.14
CA SER D 345 10.11 -1.48 -1.25
C SER D 345 11.54 -1.02 -1.50
N PHE D 346 11.83 0.27 -1.39
CA PHE D 346 13.15 0.80 -1.72
C PHE D 346 13.78 1.44 -0.49
N LEU D 347 15.05 1.18 -0.28
CA LEU D 347 15.84 1.87 0.74
C LEU D 347 16.64 2.99 0.08
N LYS D 348 16.61 4.16 0.69
CA LYS D 348 17.30 5.33 0.15
C LYS D 348 18.27 5.87 1.18
N ILE D 349 19.54 5.98 0.81
CA ILE D 349 20.54 6.61 1.66
C ILE D 349 20.61 8.08 1.29
N TRP D 350 20.65 8.94 2.30
CA TRP D 350 20.72 10.38 2.13
C TRP D 350 21.94 10.91 2.85
N ASN D 351 22.48 12.00 2.33
CA ASN D 351 23.72 12.55 2.88
C ASN D 351 23.75 14.07 2.78
N THR E 6 -11.91 -7.99 42.25
CA THR E 6 -10.93 -9.05 42.51
C THR E 6 -9.58 -8.69 41.89
N ALA E 7 -9.51 -8.75 40.56
CA ALA E 7 -8.27 -8.40 39.87
C ALA E 7 -8.11 -6.90 39.72
N SER E 8 -9.23 -6.16 39.60
CA SER E 8 -9.14 -4.71 39.49
C SER E 8 -8.61 -4.08 40.77
N ILE E 9 -8.86 -4.70 41.92
CA ILE E 9 -8.30 -4.21 43.18
C ILE E 9 -6.78 -4.19 43.11
N ALA E 10 -6.18 -5.35 42.84
CA ALA E 10 -4.72 -5.42 42.72
C ALA E 10 -4.21 -4.57 41.58
N GLN E 11 -4.98 -4.45 40.50
CA GLN E 11 -4.59 -3.60 39.38
C GLN E 11 -4.41 -2.15 39.83
N ALA E 12 -5.44 -1.61 40.47
CA ALA E 12 -5.39 -0.23 40.93
C ALA E 12 -4.33 -0.02 42.01
N ARG E 13 -4.16 -1.00 42.90
CA ARG E 13 -3.14 -0.88 43.95
C ARG E 13 -1.74 -0.86 43.34
N LYS E 14 -1.46 -1.81 42.45
CA LYS E 14 -0.19 -1.80 41.73
C LYS E 14 0.02 -0.51 40.96
N LEU E 15 -1.04 0.02 40.34
CA LEU E 15 -0.92 1.27 39.60
C LEU E 15 -0.52 2.41 40.52
N VAL E 16 -1.21 2.56 41.65
CA VAL E 16 -0.90 3.68 42.54
C VAL E 16 0.49 3.52 43.16
N GLU E 17 0.90 2.28 43.46
CA GLU E 17 2.22 2.08 44.05
C GLU E 17 3.33 2.35 43.05
N GLN E 18 3.17 1.85 41.81
CA GLN E 18 4.15 2.10 40.77
C GLN E 18 4.18 3.58 40.39
N LEU E 19 3.06 4.28 40.58
CA LEU E 19 3.03 5.71 40.30
C LEU E 19 3.77 6.49 41.38
N LYS E 20 3.58 6.13 42.65
CA LYS E 20 4.25 6.88 43.71
C LYS E 20 5.74 6.52 43.78
N MET E 21 6.12 5.30 43.40
CA MET E 21 7.54 4.97 43.39
C MET E 21 8.29 5.79 42.36
N GLU E 22 7.57 6.41 41.42
CA GLU E 22 8.13 7.37 40.48
C GLU E 22 8.19 8.78 41.06
N ALA E 23 7.53 9.04 42.18
CA ALA E 23 7.48 10.38 42.77
C ALA E 23 8.70 10.72 43.61
N ASN E 24 9.34 9.73 44.22
CA ASN E 24 10.55 9.99 45.00
C ASN E 24 11.81 10.07 44.15
N ILE E 25 11.67 10.25 42.84
CA ILE E 25 12.82 10.50 41.99
C ILE E 25 13.31 11.92 42.23
N ASP E 26 14.60 12.15 41.97
CA ASP E 26 15.22 13.46 42.18
C ASP E 26 15.21 14.23 40.86
N ARG E 27 14.38 15.27 40.80
CA ARG E 27 14.23 16.06 39.59
C ARG E 27 15.14 17.26 39.59
N ILE E 28 15.43 17.77 38.39
CA ILE E 28 16.12 19.04 38.22
C ILE E 28 15.17 20.01 37.54
N LYS E 29 15.63 21.25 37.36
CA LYS E 29 14.83 22.23 36.65
C LYS E 29 14.94 21.99 35.14
N VAL E 30 13.95 22.48 34.40
CA VAL E 30 13.92 22.29 32.95
C VAL E 30 14.95 23.19 32.30
N SER E 31 15.36 24.25 33.00
CA SER E 31 16.43 25.10 32.49
C SER E 31 17.71 24.30 32.30
N LYS E 32 18.11 23.54 33.33
CA LYS E 32 19.26 22.66 33.19
C LYS E 32 19.04 21.58 32.13
N ALA E 33 17.83 21.03 32.06
CA ALA E 33 17.52 19.99 31.09
C ALA E 33 17.59 20.47 29.65
N ALA E 34 17.39 21.77 29.42
CA ALA E 34 17.56 22.35 28.09
C ALA E 34 18.97 22.83 27.82
N ALA E 35 19.64 23.39 28.84
CA ALA E 35 21.03 23.81 28.69
C ALA E 35 21.93 22.62 28.43
N ASP E 36 21.63 21.46 29.01
CA ASP E 36 22.42 20.26 28.74
C ASP E 36 22.34 19.87 27.27
N LEU E 37 21.13 19.87 26.71
CA LEU E 37 20.98 19.50 25.30
C LEU E 37 21.63 20.54 24.40
N MET E 38 21.45 21.83 24.71
CA MET E 38 22.14 22.88 23.99
C MET E 38 23.64 22.64 23.97
N ALA E 39 24.23 22.43 25.16
CA ALA E 39 25.68 22.28 25.26
C ALA E 39 26.15 21.03 24.53
N TYR E 40 25.35 19.97 24.55
CA TYR E 40 25.75 18.75 23.85
C TYR E 40 25.78 18.98 22.35
N CYS E 41 24.67 19.48 21.79
CA CYS E 41 24.65 19.66 20.34
C CYS E 41 25.54 20.80 19.89
N GLU E 42 26.03 21.64 20.80
CA GLU E 42 26.97 22.68 20.43
C GLU E 42 28.42 22.20 20.54
N ALA E 43 28.70 21.26 21.45
CA ALA E 43 30.03 20.70 21.53
C ALA E 43 30.29 19.67 20.44
N HIS E 44 29.27 18.88 20.10
CA HIS E 44 29.39 17.85 19.07
C HIS E 44 28.88 18.31 17.71
N ALA E 45 28.77 19.63 17.52
CA ALA E 45 28.29 20.17 16.25
C ALA E 45 29.28 19.90 15.13
N LYS E 46 30.57 19.96 15.44
CA LYS E 46 31.59 19.88 14.39
C LYS E 46 31.62 18.52 13.72
N GLU E 47 31.37 17.44 14.46
CA GLU E 47 31.50 16.10 13.91
C GLU E 47 30.18 15.53 13.39
N ASP E 48 29.19 16.37 13.07
CA ASP E 48 27.95 15.88 12.50
C ASP E 48 27.98 16.08 10.99
N PRO E 49 28.19 15.03 10.20
CA PRO E 49 28.26 15.20 8.73
C PRO E 49 26.95 15.59 8.08
N LEU E 50 25.86 15.74 8.84
CA LEU E 50 24.60 16.21 8.27
C LEU E 50 24.36 17.68 8.57
N LEU E 51 24.62 18.11 9.79
CA LEU E 51 24.52 19.53 10.13
C LEU E 51 25.50 20.34 9.30
N THR E 52 26.79 20.10 9.48
CA THR E 52 27.83 20.68 8.63
C THR E 52 28.18 19.69 7.54
N PRO E 53 27.72 19.90 6.30
CA PRO E 53 27.97 18.90 5.25
C PRO E 53 29.45 18.66 5.03
N VAL E 54 29.77 17.43 4.65
CA VAL E 54 31.14 17.00 4.43
C VAL E 54 31.41 16.98 2.93
N PRO E 55 32.54 17.53 2.47
CA PRO E 55 32.79 17.56 1.02
C PRO E 55 33.01 16.17 0.46
N ALA E 56 32.89 16.07 -0.87
CA ALA E 56 33.00 14.79 -1.55
C ALA E 56 34.34 14.11 -1.35
N SER E 57 35.32 14.79 -0.76
CA SER E 57 36.63 14.18 -0.53
C SER E 57 36.56 13.10 0.55
N GLU E 58 35.87 13.40 1.66
CA GLU E 58 35.73 12.41 2.73
C GLU E 58 34.38 11.70 2.69
N ASN E 59 33.39 12.29 2.03
CA ASN E 59 32.06 11.69 1.91
C ASN E 59 32.15 10.40 1.13
N PRO E 60 31.80 9.25 1.72
CA PRO E 60 31.89 7.97 0.99
C PRO E 60 30.69 7.64 0.13
N PHE E 61 29.58 8.35 0.27
CA PHE E 61 28.35 8.00 -0.44
C PHE E 61 28.13 8.81 -1.72
N ARG E 62 28.80 9.95 -1.87
CA ARG E 62 28.65 10.80 -3.05
C ARG E 62 28.91 10.03 -4.34
N GLN F 3 -2.21 14.23 30.05
CA GLN F 3 -2.67 12.86 29.85
C GLN F 3 -4.06 12.83 29.24
N VAL F 4 -4.31 11.82 28.41
CA VAL F 4 -5.64 11.60 27.84
C VAL F 4 -6.56 11.13 28.96
N GLN F 5 -7.68 11.84 29.12
CA GLN F 5 -8.59 11.58 30.23
C GLN F 5 -10.03 11.76 29.77
N LEU F 6 -10.87 10.79 30.13
CA LEU F 6 -12.30 10.81 29.81
C LEU F 6 -13.06 10.44 31.08
N GLN F 7 -13.70 11.42 31.71
CA GLN F 7 -14.44 11.17 32.95
C GLN F 7 -15.94 11.24 32.67
N GLU F 8 -16.65 10.19 33.05
CA GLU F 8 -18.08 10.10 32.82
C GLU F 8 -18.85 10.50 34.07
N SER F 9 -20.01 11.12 33.85
CA SER F 9 -20.91 11.55 34.90
C SER F 9 -22.34 11.26 34.50
N GLY F 10 -23.21 11.19 35.51
CA GLY F 10 -24.59 10.83 35.30
C GLY F 10 -24.83 9.36 35.58
N GLY F 11 -26.01 8.90 35.19
CA GLY F 11 -26.32 7.49 35.39
C GLY F 11 -26.62 7.15 36.84
N GLY F 12 -27.37 6.08 37.03
CA GLY F 12 -27.73 5.66 38.37
C GLY F 12 -29.04 4.90 38.36
N LEU F 13 -29.86 5.16 39.38
CA LEU F 13 -31.10 4.44 39.55
C LEU F 13 -32.24 5.14 38.82
N VAL F 14 -32.94 4.40 37.98
CA VAL F 14 -34.14 4.88 37.29
C VAL F 14 -35.10 3.70 37.15
N GLN F 15 -36.39 4.00 37.16
CA GLN F 15 -37.39 2.99 36.87
C GLN F 15 -37.72 2.99 35.38
N PRO F 16 -38.13 1.84 34.84
CA PRO F 16 -38.39 1.75 33.39
C PRO F 16 -39.30 2.86 32.91
N GLY F 17 -38.84 3.57 31.87
CA GLY F 17 -39.54 4.73 31.36
C GLY F 17 -38.93 6.06 31.75
N GLY F 18 -37.78 6.06 32.43
CA GLY F 18 -37.14 7.29 32.85
C GLY F 18 -36.04 7.74 31.91
N SER F 19 -35.56 8.95 32.15
CA SER F 19 -34.61 9.62 31.28
C SER F 19 -33.32 9.94 32.03
N LEU F 20 -32.19 9.87 31.33
CA LEU F 20 -30.89 10.18 31.91
C LEU F 20 -30.01 10.88 30.89
N ARG F 21 -29.17 11.79 31.37
CA ARG F 21 -28.19 12.49 30.53
C ARG F 21 -26.80 12.07 31.00
N LEU F 22 -26.16 11.19 30.23
CA LEU F 22 -24.78 10.80 30.48
C LEU F 22 -23.85 11.83 29.86
N SER F 23 -22.87 12.29 30.64
CA SER F 23 -21.90 13.27 30.19
C SER F 23 -20.50 12.68 30.25
N CYS F 24 -19.66 13.13 29.33
CA CYS F 24 -18.28 12.66 29.21
C CYS F 24 -17.40 13.89 29.04
N ALA F 25 -16.68 14.25 30.10
CA ALA F 25 -15.73 15.35 30.06
C ALA F 25 -14.39 14.83 29.55
N ALA F 26 -13.90 15.42 28.47
CA ALA F 26 -12.66 15.03 27.83
C ALA F 26 -11.55 16.01 28.16
N SER F 27 -10.32 15.52 28.20
CA SER F 27 -9.17 16.37 28.44
C SER F 27 -7.92 15.66 27.93
N GLY F 28 -6.90 16.45 27.62
CA GLY F 28 -5.64 15.93 27.17
C GLY F 28 -5.49 15.77 25.67
N PHE F 29 -6.47 16.21 24.88
CA PHE F 29 -6.41 16.10 23.43
C PHE F 29 -7.37 17.11 22.83
N THR F 30 -7.26 17.29 21.51
CA THR F 30 -8.16 18.19 20.77
C THR F 30 -9.45 17.44 20.48
N PHE F 31 -10.53 17.85 21.15
CA PHE F 31 -11.79 17.11 21.08
C PHE F 31 -12.38 17.15 19.68
N SER F 32 -12.21 18.27 18.97
CA SER F 32 -12.82 18.45 17.65
C SER F 32 -12.20 17.57 16.57
N ASN F 33 -11.14 16.83 16.87
CA ASN F 33 -10.49 15.99 15.88
C ASN F 33 -10.96 14.54 15.89
N TYR F 34 -11.47 14.05 17.02
CA TYR F 34 -11.68 12.63 17.21
C TYR F 34 -13.16 12.28 17.11
N LYS F 35 -13.45 11.20 16.41
CA LYS F 35 -14.79 10.62 16.42
C LYS F 35 -15.05 9.94 17.76
N MET F 36 -16.17 10.28 18.38
CA MET F 36 -16.47 9.82 19.74
C MET F 36 -17.50 8.69 19.70
N ASN F 37 -17.47 7.85 20.73
CA ASN F 37 -18.35 6.70 20.81
C ASN F 37 -18.86 6.56 22.23
N TRP F 38 -20.04 5.95 22.34
CA TRP F 38 -20.56 5.43 23.60
C TRP F 38 -20.61 3.92 23.49
N VAL F 39 -19.94 3.23 24.41
CA VAL F 39 -19.99 1.78 24.51
C VAL F 39 -20.53 1.42 25.89
N ARG F 40 -20.98 0.18 26.04
CA ARG F 40 -21.54 -0.24 27.31
C ARG F 40 -21.26 -1.70 27.55
N GLN F 41 -21.28 -2.08 28.82
CA GLN F 41 -21.09 -3.46 29.26
C GLN F 41 -22.15 -3.77 30.32
N ALA F 42 -23.10 -4.63 29.98
CA ALA F 42 -24.09 -5.05 30.95
C ALA F 42 -23.52 -6.14 31.85
N PRO F 43 -24.04 -6.28 33.07
CA PRO F 43 -23.52 -7.30 33.99
C PRO F 43 -23.59 -8.69 33.39
N GLY F 44 -22.43 -9.31 33.22
CA GLY F 44 -22.35 -10.69 32.80
C GLY F 44 -22.08 -10.93 31.33
N LYS F 45 -21.81 -9.88 30.54
CA LYS F 45 -21.43 -10.04 29.14
C LYS F 45 -20.37 -9.01 28.78
N GLY F 46 -20.02 -8.98 27.48
CA GLY F 46 -18.89 -8.21 27.00
C GLY F 46 -19.25 -6.79 26.61
N LEU F 47 -18.22 -6.04 26.24
CA LEU F 47 -18.41 -4.65 25.84
C LEU F 47 -19.08 -4.59 24.47
N GLU F 48 -20.12 -3.76 24.37
CA GLU F 48 -20.87 -3.60 23.14
C GLU F 48 -20.95 -2.12 22.79
N TRP F 49 -20.88 -1.84 21.49
CA TRP F 49 -20.94 -0.47 21.00
C TRP F 49 -22.38 0.01 21.00
N VAL F 50 -22.59 1.22 21.51
CA VAL F 50 -23.93 1.81 21.63
C VAL F 50 -24.16 2.86 20.54
N SER F 51 -23.32 3.88 20.49
CA SER F 51 -23.55 4.97 19.56
C SER F 51 -22.23 5.59 19.14
N ASP F 52 -22.25 6.33 18.04
CA ASP F 52 -21.05 7.09 17.67
C ASP F 52 -21.44 8.36 16.94
N ILE F 53 -20.55 9.34 17.03
CA ILE F 53 -20.72 10.64 16.39
C ILE F 53 -19.37 11.08 15.84
N SER F 54 -19.39 11.68 14.66
CA SER F 54 -18.16 12.05 13.97
C SER F 54 -17.58 13.32 14.57
N GLN F 55 -16.60 13.90 13.89
CA GLN F 55 -15.82 15.01 14.46
C GLN F 55 -16.68 16.26 14.60
N SER F 56 -17.20 16.76 13.48
CA SER F 56 -18.04 17.96 13.53
C SER F 56 -19.38 17.68 14.20
N GLY F 57 -19.93 16.49 13.99
CA GLY F 57 -21.19 16.10 14.58
C GLY F 57 -22.29 15.80 13.58
N ALA F 58 -22.02 15.80 12.28
CA ALA F 58 -23.08 15.56 11.30
C ALA F 58 -23.47 14.10 11.26
N SER F 59 -22.51 13.21 11.05
CA SER F 59 -22.77 11.78 10.98
C SER F 59 -22.99 11.24 12.39
N ILE F 60 -23.98 10.35 12.53
CA ILE F 60 -24.38 9.81 13.82
C ILE F 60 -24.94 8.41 13.58
N SER F 61 -24.59 7.48 14.46
CA SER F 61 -25.08 6.11 14.29
C SER F 61 -25.37 5.49 15.65
N TYR F 62 -26.28 4.52 15.64
CA TYR F 62 -26.73 3.80 16.83
C TYR F 62 -26.71 2.30 16.55
N THR F 63 -26.69 1.52 17.63
CA THR F 63 -26.59 0.07 17.48
C THR F 63 -27.86 -0.56 16.92
N GLY F 64 -29.01 0.08 17.09
CA GLY F 64 -30.25 -0.45 16.59
C GLY F 64 -31.25 -0.77 17.68
N SER F 65 -30.79 -1.34 18.79
CA SER F 65 -31.68 -1.56 19.91
C SER F 65 -31.89 -0.30 20.74
N VAL F 66 -31.30 0.81 20.33
CA VAL F 66 -31.45 2.10 21.01
C VAL F 66 -31.86 3.20 20.04
N LYS F 67 -32.16 2.87 18.79
CA LYS F 67 -32.48 3.88 17.80
C LYS F 67 -33.85 4.48 18.10
N GLY F 68 -33.91 5.81 18.15
CA GLY F 68 -35.11 6.50 18.55
C GLY F 68 -35.19 6.81 20.03
N ARG F 69 -34.50 6.04 20.87
CA ARG F 69 -34.48 6.27 22.31
C ARG F 69 -33.27 7.03 22.80
N PHE F 70 -32.07 6.71 22.30
CA PHE F 70 -30.86 7.41 22.72
C PHE F 70 -30.49 8.46 21.69
N THR F 71 -29.85 9.52 22.16
CA THR F 71 -29.46 10.64 21.32
C THR F 71 -28.07 11.09 21.73
N ILE F 72 -27.10 10.93 20.83
CA ILE F 72 -25.72 11.33 21.07
C ILE F 72 -25.53 12.75 20.58
N SER F 73 -24.71 13.52 21.31
CA SER F 73 -24.47 14.91 20.95
C SER F 73 -23.15 15.38 21.55
N ARG F 74 -22.29 15.96 20.73
CA ARG F 74 -21.02 16.46 21.22
C ARG F 74 -21.02 17.98 21.29
N ASP F 75 -20.33 18.50 22.29
CA ASP F 75 -20.05 19.92 22.44
C ASP F 75 -18.54 20.06 22.30
N ASN F 76 -18.10 20.29 21.07
CA ASN F 76 -16.67 20.43 20.80
C ASN F 76 -16.09 21.64 21.50
N ALA F 77 -16.83 22.76 21.51
CA ALA F 77 -16.34 23.96 22.16
C ALA F 77 -16.25 23.79 23.67
N LYS F 78 -16.91 22.77 24.22
CA LYS F 78 -16.82 22.46 25.63
C LYS F 78 -16.19 21.10 25.89
N ASN F 79 -15.71 20.42 24.85
CA ASN F 79 -14.97 19.17 24.98
C ASN F 79 -15.78 18.12 25.75
N THR F 80 -17.07 18.04 25.45
CA THR F 80 -17.96 17.16 26.19
C THR F 80 -18.77 16.30 25.23
N LEU F 81 -19.09 15.09 25.66
CA LEU F 81 -19.98 14.21 24.93
C LEU F 81 -21.21 13.93 25.77
N TYR F 82 -22.35 13.74 25.11
CA TYR F 82 -23.62 13.56 25.80
C TYR F 82 -24.39 12.41 25.17
N LEU F 83 -25.06 11.64 26.01
CA LEU F 83 -26.04 10.65 25.60
C LEU F 83 -27.32 10.90 26.39
N GLN F 84 -28.39 11.27 25.68
CA GLN F 84 -29.69 11.47 26.31
C GLN F 84 -30.53 10.23 26.06
N MET F 85 -31.09 9.64 27.13
CA MET F 85 -31.88 8.43 27.05
C MET F 85 -33.26 8.69 27.62
N ASN F 86 -34.29 8.53 26.79
CA ASN F 86 -35.65 8.91 27.13
C ASN F 86 -36.47 7.77 27.72
N SER F 87 -36.64 6.67 26.97
CA SER F 87 -37.51 5.57 27.39
C SER F 87 -36.63 4.37 27.74
N LEU F 88 -36.19 4.32 28.99
CA LEU F 88 -35.23 3.30 29.41
C LEU F 88 -35.94 1.99 29.71
N LYS F 89 -35.48 0.93 29.06
CA LYS F 89 -35.93 -0.43 29.28
C LYS F 89 -35.03 -1.11 30.31
N PRO F 90 -35.48 -2.21 30.91
CA PRO F 90 -34.61 -2.92 31.87
C PRO F 90 -33.31 -3.43 31.27
N GLU F 91 -33.25 -3.60 29.95
CA GLU F 91 -32.04 -4.11 29.30
C GLU F 91 -31.00 -3.04 29.05
N ASP F 92 -31.10 -1.88 29.71
CA ASP F 92 -30.13 -0.81 29.58
C ASP F 92 -29.26 -0.64 30.81
N THR F 93 -29.49 -1.42 31.86
CA THR F 93 -28.65 -1.34 33.04
C THR F 93 -27.27 -1.91 32.71
N ALA F 94 -26.23 -1.09 32.86
CA ALA F 94 -24.90 -1.45 32.41
C ALA F 94 -23.92 -0.38 32.87
N VAL F 95 -22.64 -0.68 32.72
CA VAL F 95 -21.60 0.33 32.81
C VAL F 95 -21.48 1.00 31.45
N TYR F 96 -21.48 2.32 31.43
CA TYR F 96 -21.47 3.09 30.20
C TYR F 96 -20.15 3.86 30.10
N TYR F 97 -19.35 3.52 29.09
CA TYR F 97 -18.05 4.11 28.86
C TYR F 97 -18.08 5.04 27.65
N CYS F 98 -17.39 6.17 27.79
CA CYS F 98 -17.20 7.12 26.71
C CYS F 98 -15.86 6.81 26.06
N ALA F 99 -15.89 6.33 24.82
CA ALA F 99 -14.71 5.89 24.11
C ALA F 99 -14.29 6.92 23.07
N ARG F 100 -12.98 7.06 22.88
CA ARG F 100 -12.44 7.90 21.83
C ARG F 100 -11.89 7.05 20.69
N CYS F 101 -11.91 7.60 19.49
CA CYS F 101 -11.34 6.93 18.35
C CYS F 101 -9.82 6.92 18.48
N PRO F 102 -9.14 5.89 17.96
CA PRO F 102 -7.67 5.84 18.14
C PRO F 102 -6.92 6.97 17.47
N ALA F 103 -7.18 7.25 16.18
CA ALA F 103 -6.42 8.23 15.41
C ALA F 103 -7.25 9.49 15.16
N PRO F 104 -6.60 10.65 14.99
CA PRO F 104 -7.31 11.93 15.03
C PRO F 104 -7.97 12.46 13.76
N PHE F 105 -7.83 11.83 12.60
CA PHE F 105 -8.50 12.34 11.41
C PHE F 105 -9.04 11.21 10.55
N THR F 106 -9.60 10.18 11.19
CA THR F 106 -10.04 8.98 10.48
C THR F 106 -11.53 8.77 10.66
N ARG F 107 -12.10 7.98 9.76
CA ARG F 107 -13.50 7.57 9.88
C ARG F 107 -13.65 6.19 10.48
N ASP F 108 -12.56 5.43 10.58
CA ASP F 108 -12.59 4.11 11.17
C ASP F 108 -12.03 4.19 12.58
N CYS F 109 -12.73 3.56 13.52
CA CYS F 109 -12.28 3.47 14.91
C CYS F 109 -12.22 2.01 15.31
N PHE F 110 -11.02 1.47 15.34
CA PHE F 110 -10.75 0.11 15.77
C PHE F 110 -10.71 0.05 17.30
N ASP F 111 -10.99 -1.13 17.84
CA ASP F 111 -10.63 -1.51 19.20
C ASP F 111 -11.35 -0.72 20.28
N VAL F 112 -12.42 0.01 19.96
CA VAL F 112 -13.09 0.79 20.99
C VAL F 112 -13.82 -0.10 21.99
N THR F 113 -14.26 -1.29 21.58
CA THR F 113 -14.93 -2.24 22.46
C THR F 113 -13.97 -3.31 22.95
N SER F 114 -12.67 -3.02 22.97
CA SER F 114 -11.70 -3.98 23.45
C SER F 114 -11.71 -4.04 24.97
N THR F 115 -11.20 -5.15 25.50
CA THR F 115 -11.30 -5.38 26.95
C THR F 115 -10.50 -4.36 27.74
N THR F 116 -9.38 -3.88 27.19
CA THR F 116 -8.52 -2.93 27.88
C THR F 116 -8.05 -1.82 26.93
N TYR F 117 -8.97 -1.29 26.14
CA TYR F 117 -8.67 -0.16 25.26
C TYR F 117 -8.25 1.04 26.10
N ALA F 118 -7.20 1.73 25.65
CA ALA F 118 -6.49 2.70 26.47
C ALA F 118 -7.17 4.06 26.56
N TYR F 119 -7.96 4.44 25.55
CA TYR F 119 -8.58 5.75 25.50
C TYR F 119 -10.05 5.70 25.83
N ARG F 120 -10.41 4.87 26.80
CA ARG F 120 -11.77 4.72 27.26
C ARG F 120 -11.88 5.20 28.70
N GLY F 121 -13.05 5.75 29.04
CA GLY F 121 -13.31 6.20 30.38
C GLY F 121 -13.51 5.06 31.36
N GLN F 122 -13.80 5.42 32.60
CA GLN F 122 -14.05 4.42 33.64
C GLN F 122 -15.48 3.91 33.65
N GLY F 123 -16.43 4.74 33.26
CA GLY F 123 -17.79 4.28 33.06
C GLY F 123 -18.71 4.67 34.22
N THR F 124 -19.96 4.96 33.89
CA THR F 124 -20.99 5.24 34.87
C THR F 124 -21.96 4.06 34.93
N GLN F 125 -22.34 3.66 36.13
CA GLN F 125 -23.29 2.57 36.30
C GLN F 125 -24.71 3.10 36.17
N VAL F 126 -25.46 2.55 35.22
CA VAL F 126 -26.85 2.90 35.02
C VAL F 126 -27.69 1.68 35.37
N THR F 127 -28.32 1.70 36.54
CA THR F 127 -29.11 0.58 37.04
C THR F 127 -30.57 0.94 36.91
N VAL F 128 -31.24 0.36 35.91
CA VAL F 128 -32.64 0.64 35.64
C VAL F 128 -33.48 -0.53 36.18
N SER F 129 -34.21 -0.26 37.25
CA SER F 129 -34.99 -1.29 37.93
C SER F 129 -36.18 -0.64 38.63
N SER F 130 -37.23 -1.44 38.79
CA SER F 130 -38.44 -0.97 39.45
C SER F 130 -38.70 -1.73 40.74
#